data_4CDU
#
_entry.id   4CDU
#
_cell.length_a   599.681
_cell.length_b   599.681
_cell.length_c   599.681
_cell.angle_alpha   90.00
_cell.angle_beta   90.00
_cell.angle_gamma   90.00
#
_symmetry.space_group_name_H-M   'I 2 3'
#
loop_
_entity.id
_entity.type
_entity.pdbx_description
1 polymer VP1
2 polymer VP2
3 polymer VP3
4 polymer VP4
5 non-polymer 1-[(3S)-5-[4-[(E)-ETHOXYIMINOMETHYL]PHENOXY]-3-METHYL-PENTYL]-3-PYRIDIN-4-YL-IMIDAZOLIDIN-2-ONE
6 non-polymer 'CHLORIDE ION'
7 non-polymer 'SODIUM ION'
8 water water
#
loop_
_entity_poly.entity_id
_entity_poly.type
_entity_poly.pdbx_seq_one_letter_code
_entity_poly.pdbx_strand_id
1 'polypeptide(L)'
;GDRVADVIESSIGDSVSRALTHALPAPTGQNTQVSSHRLDTGKVPALQAAEIGASSNASDESMIETRCVLNSHSTAETTL
DSFFSRAGLVGEIDLPLKGTTNPNGYANWDIDITGYAQMRRKVELFTYMRFDAEFTFVACTPTGEVVPQLLQYMFVPPGA
PKPDSRESLAWQTATNPSVFVKLSDPPAQVSVPFMSPASAYQWFYDGYPTFGEHKQEKDLEYGACPNNMMGTFSVRTVGT
SKSKYPLVVRIYMRMKHVRAWIPRPMRNQNYLFKANPNYAGNSIKPTGASRTAITTL
;
A
2 'polypeptide(L)'
;SPSAEACGYSDRVAQLTIGNSTITTQEAANIIVGYGEWPSYCSDSDATAVDKPTRPDVSVNRFYTLDTKLWEKSSKGWYW
KFPDVLTETGVFGQNAQFHYLYRSGFCIHVQCNASKFHQGALLVAVLPEYVIGTVAGGTGTEDTHPPYKQTQPGADGFEL
QHPYVLDAGIPISQLTVCPHQWINLRTNNCATIIVPYINALPFDSALNHCNFGLLVVPISPLDYDQGATPVIPITITLAP
MCSEFAGLRQAVTQ
;
B
3 'polypeptide(L)'
;GFPTELKPGTNQFLTTDDGVSAPILPNFHPTPCIHIPGEVRNLLELCQVETILEVNNVPTNATSLMERLRFPVSAQAGKG
ELCAVFRADPGRNGPWQSTLLGQLCGYYTQWSGSLEVTFMFTGSFMATGKMLIAYTPPGGPLPKDRATAMLGTHVIWDFG
LQSSVTLVIPWISNTHYRAHARDGVFDYYTTGLVSIWYQTNYVVPIGAPNTAYIIALAAAQKNFTMKLCKDASDILQTGT
IQ
;
C
4 'polypeptide(L)' MGSQVSTQRSGSHENSNSATEGSTINYTTINYYKDSYAATAGKQSLKQDPDKFANPVKDIFTEMAAPLK D
#
# COMPACT_ATOMS: atom_id res chain seq x y z
N GLY A 1 25.58 -29.72 -26.28
CA GLY A 1 25.25 -30.60 -25.12
C GLY A 1 25.87 -30.10 -23.83
N ASP A 2 25.40 -30.65 -22.70
CA ASP A 2 25.90 -30.29 -21.36
C ASP A 2 26.44 -31.56 -20.69
N ARG A 3 27.70 -31.53 -20.27
CA ARG A 3 28.33 -32.71 -19.66
C ARG A 3 28.87 -32.53 -18.24
N VAL A 4 29.29 -31.31 -17.90
CA VAL A 4 29.84 -31.03 -16.58
C VAL A 4 28.69 -30.99 -15.57
N ALA A 5 28.85 -31.75 -14.48
CA ALA A 5 27.81 -31.86 -13.47
C ALA A 5 27.10 -30.60 -12.99
N ASP A 6 27.85 -29.56 -12.59
CA ASP A 6 27.19 -28.35 -12.09
C ASP A 6 26.19 -27.76 -13.07
N VAL A 7 26.42 -27.96 -14.37
CA VAL A 7 25.50 -27.43 -15.38
C VAL A 7 24.22 -28.25 -15.49
N ILE A 8 24.37 -29.56 -15.43
CA ILE A 8 23.22 -30.46 -15.48
C ILE A 8 22.28 -30.17 -14.30
N GLU A 9 22.84 -30.15 -13.10
CA GLU A 9 22.08 -29.92 -11.88
C GLU A 9 21.84 -28.45 -11.54
N SER A 10 21.87 -27.59 -12.55
CA SER A 10 21.68 -26.16 -12.35
C SER A 10 20.20 -25.77 -12.34
N SER A 11 19.90 -24.65 -11.69
CA SER A 11 18.53 -24.14 -11.62
C SER A 11 18.44 -22.88 -12.46
N ILE A 12 19.56 -22.49 -13.04
CA ILE A 12 19.63 -21.29 -13.88
C ILE A 12 18.61 -21.38 -15.00
N GLY A 13 17.56 -20.57 -14.93
CA GLY A 13 16.57 -20.60 -15.99
C GLY A 13 15.13 -20.98 -15.73
N ASP A 14 14.78 -21.53 -14.56
CA ASP A 14 13.38 -21.88 -14.35
C ASP A 14 12.56 -20.60 -14.19
N SER A 15 11.56 -20.48 -15.07
CA SER A 15 10.66 -19.33 -15.12
C SER A 15 9.45 -19.48 -14.22
N VAL A 16 9.31 -20.67 -13.62
CA VAL A 16 8.20 -20.97 -12.71
C VAL A 16 8.38 -20.28 -11.37
N SER A 17 7.57 -19.25 -11.15
CA SER A 17 7.63 -18.50 -9.89
C SER A 17 6.90 -19.28 -8.81
N ARG A 18 7.64 -20.07 -8.04
CA ARG A 18 7.04 -20.86 -6.97
C ARG A 18 6.40 -19.92 -5.93
N ALA A 19 5.11 -20.14 -5.67
CA ALA A 19 4.34 -19.33 -4.72
C ALA A 19 4.05 -20.05 -3.40
N LEU A 20 4.22 -19.35 -2.28
CA LEU A 20 3.97 -19.92 -0.96
C LEU A 20 2.49 -19.99 -0.58
N THR A 21 1.66 -19.18 -1.23
CA THR A 21 0.24 -19.14 -0.90
C THR A 21 -0.64 -19.12 -2.13
N HIS A 22 -1.89 -19.56 -1.97
CA HIS A 22 -2.85 -19.52 -3.06
C HIS A 22 -4.20 -19.02 -2.55
N ALA A 23 -5.01 -18.50 -3.47
CA ALA A 23 -6.32 -17.95 -3.12
C ALA A 23 -7.41 -18.98 -2.98
N LEU A 24 -8.25 -18.83 -1.96
CA LEU A 24 -9.37 -19.75 -1.76
C LEU A 24 -10.63 -18.93 -1.91
N PRO A 25 -11.76 -19.58 -2.21
CA PRO A 25 -13.00 -18.81 -2.37
C PRO A 25 -13.52 -18.38 -1.00
N ALA A 26 -14.13 -17.19 -0.96
CA ALA A 26 -14.63 -16.64 0.29
C ALA A 26 -15.73 -15.62 -0.03
N PRO A 27 -16.93 -16.12 -0.36
CA PRO A 27 -18.11 -15.31 -0.70
C PRO A 27 -18.68 -14.63 0.53
N THR A 28 -18.50 -15.29 1.68
CA THR A 28 -18.99 -14.74 2.95
C THR A 28 -17.93 -14.71 4.04
N GLY A 29 -18.27 -14.05 5.15
CA GLY A 29 -17.35 -13.98 6.26
C GLY A 29 -17.26 -15.35 6.91
N GLN A 30 -16.15 -15.60 7.58
CA GLN A 30 -15.96 -16.88 8.22
C GLN A 30 -16.94 -17.14 9.36
N ASN A 31 -17.36 -18.38 9.52
CA ASN A 31 -18.28 -18.72 10.60
C ASN A 31 -17.51 -18.85 11.89
N THR A 32 -18.23 -18.90 12.99
CA THR A 32 -17.60 -19.06 14.29
C THR A 32 -18.01 -20.44 14.79
N GLN A 33 -17.03 -21.20 15.30
CA GLN A 33 -17.26 -22.55 15.82
C GLN A 33 -17.42 -22.55 17.33
N VAL A 34 -18.15 -23.53 17.85
CA VAL A 34 -18.33 -23.63 19.29
C VAL A 34 -16.95 -23.91 19.89
N SER A 35 -16.67 -23.39 21.09
CA SER A 35 -15.39 -23.65 21.73
C SER A 35 -15.64 -23.76 23.23
N SER A 36 -14.76 -24.46 23.94
CA SER A 36 -14.93 -24.59 25.38
C SER A 36 -13.67 -24.17 26.10
N HIS A 37 -13.68 -24.34 27.41
CA HIS A 37 -12.53 -23.96 28.21
C HIS A 37 -11.38 -24.92 28.00
N ARG A 38 -10.22 -24.37 27.68
CA ARG A 38 -9.00 -25.15 27.49
C ARG A 38 -8.02 -24.69 28.57
N LEU A 39 -7.55 -25.63 29.38
CA LEU A 39 -6.58 -25.33 30.45
C LEU A 39 -5.35 -26.19 30.18
N ASP A 40 -4.72 -25.98 29.03
CA ASP A 40 -3.56 -26.76 28.64
C ASP A 40 -2.21 -26.08 28.81
N THR A 41 -1.20 -26.92 28.96
CA THR A 41 0.18 -26.47 29.07
C THR A 41 0.79 -26.98 27.76
N GLY A 42 1.52 -26.11 27.08
CA GLY A 42 2.14 -26.50 25.83
C GLY A 42 1.50 -25.71 24.69
N LYS A 43 0.18 -25.76 24.60
CA LYS A 43 -0.56 -25.02 23.58
C LYS A 43 -0.76 -23.60 24.07
N VAL A 44 -0.44 -22.61 23.23
CA VAL A 44 -0.57 -21.22 23.62
C VAL A 44 -0.81 -20.24 22.44
N PRO A 45 -2.05 -20.19 21.94
CA PRO A 45 -2.49 -19.34 20.82
C PRO A 45 -2.32 -17.84 21.02
N ALA A 46 -2.57 -17.37 22.25
CA ALA A 46 -2.49 -15.95 22.57
C ALA A 46 -1.10 -15.34 22.39
N LEU A 47 -0.05 -16.10 22.64
CA LEU A 47 1.31 -15.61 22.51
C LEU A 47 1.78 -15.55 21.05
N GLN A 48 2.29 -14.40 20.64
CA GLN A 48 2.77 -14.20 19.28
C GLN A 48 4.19 -13.62 19.26
N ALA A 49 4.74 -13.49 18.06
CA ALA A 49 6.07 -12.93 17.88
C ALA A 49 6.02 -12.05 16.65
N ALA A 50 5.50 -10.84 16.82
CA ALA A 50 5.35 -9.88 15.74
C ALA A 50 6.62 -9.57 14.98
N GLU A 51 7.78 -9.85 15.57
CA GLU A 51 9.03 -9.58 14.88
C GLU A 51 9.10 -10.35 13.56
N ILE A 52 8.53 -11.55 13.55
CA ILE A 52 8.53 -12.39 12.37
C ILE A 52 8.05 -11.65 11.13
N GLY A 53 7.04 -10.80 11.31
CA GLY A 53 6.53 -10.02 10.18
C GLY A 53 5.17 -10.48 9.67
N ALA A 54 4.56 -11.43 10.39
CA ALA A 54 3.26 -11.95 10.01
C ALA A 54 2.22 -11.50 11.04
N SER A 55 0.97 -11.40 10.60
CA SER A 55 -0.10 -10.98 11.50
C SER A 55 -0.46 -12.11 12.44
N SER A 56 -1.09 -11.77 13.56
CA SER A 56 -1.48 -12.78 14.54
C SER A 56 -2.47 -13.78 13.97
N ASN A 57 -2.24 -15.04 14.29
CA ASN A 57 -3.10 -16.12 13.83
C ASN A 57 -4.09 -16.53 14.93
N ALA A 58 -4.10 -15.82 16.05
CA ALA A 58 -5.03 -16.14 17.13
C ALA A 58 -6.46 -15.87 16.67
N SER A 59 -7.38 -16.79 16.97
CA SER A 59 -8.78 -16.63 16.58
C SER A 59 -9.73 -16.55 17.77
N ASP A 60 -10.93 -16.06 17.49
CA ASP A 60 -11.95 -15.92 18.52
C ASP A 60 -12.10 -17.20 19.34
N GLU A 61 -12.28 -18.32 18.64
CA GLU A 61 -12.48 -19.61 19.29
C GLU A 61 -11.46 -19.97 20.34
N SER A 62 -10.19 -19.60 20.11
CA SER A 62 -9.15 -19.96 21.06
C SER A 62 -8.89 -18.94 22.17
N MET A 63 -9.47 -17.75 22.05
CA MET A 63 -9.27 -16.72 23.08
C MET A 63 -10.42 -16.61 24.08
N ILE A 64 -11.60 -17.09 23.72
CA ILE A 64 -12.79 -17.05 24.59
C ILE A 64 -13.77 -18.18 24.20
N GLU A 65 -14.69 -18.51 25.09
CA GLU A 65 -15.65 -19.55 24.74
C GLU A 65 -16.66 -18.92 23.81
N THR A 66 -16.76 -19.48 22.61
CA THR A 66 -17.68 -18.95 21.62
C THR A 66 -18.82 -19.90 21.30
N ARG A 67 -19.88 -19.34 20.74
CA ARG A 67 -21.03 -20.12 20.31
C ARG A 67 -20.82 -20.37 18.83
N CYS A 68 -21.77 -21.03 18.19
CA CYS A 68 -21.64 -21.26 16.76
C CYS A 68 -22.38 -20.14 16.07
N VAL A 69 -21.80 -19.58 15.00
CA VAL A 69 -22.49 -18.53 14.28
C VAL A 69 -22.32 -18.77 12.80
N LEU A 70 -23.43 -18.94 12.10
CA LEU A 70 -23.36 -19.16 10.67
C LEU A 70 -23.40 -17.78 10.04
N ASN A 71 -22.23 -17.36 9.59
CA ASN A 71 -22.06 -16.04 9.01
C ASN A 71 -22.27 -16.03 7.50
N SER A 72 -23.33 -15.36 7.06
CA SER A 72 -23.60 -15.27 5.63
C SER A 72 -23.42 -13.84 5.09
N HIS A 73 -22.63 -13.03 5.80
CA HIS A 73 -22.39 -11.67 5.37
C HIS A 73 -21.52 -11.72 4.09
N SER A 74 -22.00 -11.09 3.02
CA SER A 74 -21.27 -11.10 1.75
C SER A 74 -19.98 -10.29 1.72
N THR A 75 -19.01 -10.74 0.91
CA THR A 75 -17.74 -10.04 0.77
C THR A 75 -17.64 -9.43 -0.63
N ALA A 76 -18.75 -9.46 -1.36
CA ALA A 76 -18.79 -8.95 -2.73
C ALA A 76 -18.53 -7.47 -2.89
N GLU A 77 -18.99 -6.66 -1.94
CA GLU A 77 -18.82 -5.23 -2.11
C GLU A 77 -17.40 -4.70 -1.91
N THR A 78 -16.47 -5.55 -1.50
CA THR A 78 -15.09 -5.10 -1.32
C THR A 78 -14.10 -5.57 -2.39
N THR A 79 -14.64 -6.01 -3.54
CA THR A 79 -13.77 -6.44 -4.64
C THR A 79 -13.28 -5.16 -5.31
N LEU A 80 -12.15 -5.24 -6.02
CA LEU A 80 -11.63 -4.06 -6.68
C LEU A 80 -12.65 -3.37 -7.57
N ASP A 81 -13.39 -4.13 -8.39
CA ASP A 81 -14.37 -3.50 -9.26
C ASP A 81 -15.47 -2.81 -8.45
N SER A 82 -15.91 -3.40 -7.35
CA SER A 82 -16.94 -2.76 -6.54
C SER A 82 -16.43 -1.44 -5.98
N PHE A 83 -15.18 -1.45 -5.53
CA PHE A 83 -14.57 -0.27 -4.93
C PHE A 83 -14.29 0.86 -5.92
N PHE A 84 -13.76 0.51 -7.09
CA PHE A 84 -13.37 1.49 -8.10
C PHE A 84 -14.35 1.85 -9.22
N SER A 85 -15.23 0.93 -9.57
CA SER A 85 -16.16 1.18 -10.67
C SER A 85 -17.31 2.12 -10.34
N ARG A 86 -16.95 3.26 -9.75
CA ARG A 86 -17.90 4.29 -9.38
C ARG A 86 -17.26 5.55 -9.99
N ALA A 87 -17.98 6.19 -10.91
CA ALA A 87 -17.48 7.37 -11.62
C ALA A 87 -17.24 8.59 -10.73
N GLY A 88 -16.05 9.18 -10.83
CA GLY A 88 -15.75 10.37 -10.04
C GLY A 88 -15.07 11.45 -10.86
N LEU A 89 -15.10 12.70 -10.40
CA LEU A 89 -14.48 13.80 -11.13
C LEU A 89 -12.96 13.66 -11.21
N VAL A 90 -12.40 13.80 -12.41
CA VAL A 90 -10.95 13.71 -12.61
C VAL A 90 -10.37 14.86 -13.43
N GLY A 91 -11.25 15.69 -13.99
CA GLY A 91 -10.79 16.81 -14.79
C GLY A 91 -11.87 17.83 -15.09
N GLU A 92 -11.48 19.10 -15.24
CA GLU A 92 -12.39 20.21 -15.58
C GLU A 92 -11.73 21.01 -16.69
N ILE A 93 -12.50 21.40 -17.69
CA ILE A 93 -11.95 22.20 -18.76
C ILE A 93 -12.82 23.45 -18.88
N ASP A 94 -12.19 24.62 -18.92
CA ASP A 94 -12.93 25.87 -19.03
C ASP A 94 -12.79 26.48 -20.40
N LEU A 95 -13.90 26.94 -20.96
CA LEU A 95 -13.90 27.58 -22.26
C LEU A 95 -14.64 28.90 -22.12
N PRO A 96 -14.00 29.90 -21.48
CA PRO A 96 -14.57 31.23 -21.26
C PRO A 96 -14.52 32.11 -22.50
N LEU A 97 -15.24 33.23 -22.46
CA LEU A 97 -15.31 34.17 -23.56
C LEU A 97 -14.15 35.16 -23.51
N LYS A 98 -14.32 36.21 -22.71
CA LYS A 98 -13.30 37.23 -22.54
C LYS A 98 -12.57 36.94 -21.23
N GLY A 99 -11.66 35.98 -21.28
CA GLY A 99 -10.90 35.62 -20.10
C GLY A 99 -9.41 35.65 -20.38
N THR A 100 -8.65 34.95 -19.56
CA THR A 100 -7.21 34.89 -19.70
C THR A 100 -6.74 33.54 -20.25
N THR A 101 -7.23 32.47 -19.64
CA THR A 101 -6.87 31.11 -20.02
C THR A 101 -7.16 30.73 -21.48
N ASN A 102 -8.42 30.46 -21.81
CA ASN A 102 -8.77 30.03 -23.16
C ASN A 102 -9.82 30.90 -23.87
N PRO A 103 -9.44 32.10 -24.33
CA PRO A 103 -10.35 33.01 -25.02
C PRO A 103 -10.35 32.76 -26.53
N ASN A 104 -9.89 31.58 -26.92
CA ASN A 104 -9.78 31.23 -28.33
C ASN A 104 -10.76 30.16 -28.79
N GLY A 105 -11.62 29.69 -27.89
CA GLY A 105 -12.61 28.70 -28.27
C GLY A 105 -12.24 27.23 -28.19
N TYR A 106 -11.00 26.90 -27.82
CA TYR A 106 -10.60 25.50 -27.70
C TYR A 106 -9.78 25.32 -26.43
N ALA A 107 -9.42 24.07 -26.12
CA ALA A 107 -8.65 23.79 -24.91
C ALA A 107 -8.01 22.42 -24.99
N ASN A 108 -6.78 22.30 -24.51
CA ASN A 108 -6.08 21.02 -24.51
C ASN A 108 -5.88 20.56 -23.07
N TRP A 109 -6.38 19.36 -22.76
CA TRP A 109 -6.26 18.82 -21.41
C TRP A 109 -5.32 17.64 -21.39
N ASP A 110 -4.25 17.78 -20.62
CA ASP A 110 -3.29 16.70 -20.48
C ASP A 110 -3.97 15.60 -19.68
N ILE A 111 -4.09 14.42 -20.27
CA ILE A 111 -4.76 13.33 -19.60
C ILE A 111 -4.02 12.84 -18.37
N ASP A 112 -4.39 13.42 -17.21
CA ASP A 112 -3.81 13.08 -15.92
C ASP A 112 -4.92 13.19 -14.86
N ILE A 113 -5.26 12.08 -14.22
CA ILE A 113 -6.34 12.14 -13.23
C ILE A 113 -5.91 12.55 -11.82
N THR A 114 -4.64 12.91 -11.64
CA THR A 114 -4.16 13.24 -10.31
C THR A 114 -4.44 14.65 -9.78
N GLY A 115 -5.38 15.36 -10.40
CA GLY A 115 -5.69 16.69 -9.95
C GLY A 115 -6.78 16.77 -8.90
N TYR A 116 -7.42 15.64 -8.60
CA TYR A 116 -8.49 15.63 -7.61
C TYR A 116 -8.23 14.62 -6.51
N ALA A 117 -8.23 15.11 -5.28
CA ALA A 117 -7.96 14.28 -4.12
C ALA A 117 -8.77 12.99 -3.96
N GLN A 118 -10.10 13.07 -3.94
CA GLN A 118 -10.89 11.87 -3.74
C GLN A 118 -10.41 10.69 -4.59
N MET A 119 -10.54 10.83 -5.90
CA MET A 119 -10.15 9.78 -6.83
C MET A 119 -8.69 9.39 -6.66
N ARG A 120 -7.82 10.39 -6.56
CA ARG A 120 -6.40 10.13 -6.43
C ARG A 120 -6.03 9.27 -5.23
N ARG A 121 -6.50 9.65 -4.05
CA ARG A 121 -6.19 8.90 -2.86
C ARG A 121 -6.61 7.44 -2.99
N LYS A 122 -7.74 7.18 -3.66
CA LYS A 122 -8.19 5.81 -3.85
C LYS A 122 -7.22 4.99 -4.69
N VAL A 123 -6.93 5.45 -5.91
CA VAL A 123 -6.02 4.70 -6.76
C VAL A 123 -4.60 4.57 -6.19
N GLU A 124 -4.16 5.55 -5.42
CA GLU A 124 -2.81 5.49 -4.87
C GLU A 124 -2.64 4.46 -3.76
N LEU A 125 -3.68 3.68 -3.49
CA LEU A 125 -3.60 2.65 -2.47
C LEU A 125 -2.75 1.50 -3.03
N PHE A 126 -2.70 1.41 -4.36
CA PHE A 126 -1.95 0.36 -5.04
C PHE A 126 -0.85 0.99 -5.87
N THR A 127 0.19 0.22 -6.17
CA THR A 127 1.30 0.73 -6.94
C THR A 127 1.07 0.58 -8.44
N TYR A 128 0.61 -0.60 -8.85
CA TYR A 128 0.36 -0.87 -10.26
C TYR A 128 -1.11 -1.15 -10.45
N MET A 129 -1.69 -0.63 -11.52
CA MET A 129 -3.09 -0.87 -11.81
C MET A 129 -3.28 -0.99 -13.31
N ARG A 130 -4.10 -1.97 -13.69
CA ARG A 130 -4.41 -2.24 -15.09
C ARG A 130 -5.92 -2.26 -15.19
N PHE A 131 -6.47 -1.48 -16.11
CA PHE A 131 -7.93 -1.40 -16.25
C PHE A 131 -8.43 -0.70 -17.50
N ASP A 132 -9.71 -0.89 -17.76
CA ASP A 132 -10.39 -0.23 -18.88
C ASP A 132 -11.14 0.86 -18.13
N ALA A 133 -11.78 1.78 -18.84
CA ALA A 133 -12.49 2.85 -18.16
C ALA A 133 -13.62 3.44 -18.99
N GLU A 134 -14.60 4.00 -18.31
CA GLU A 134 -15.71 4.62 -18.99
C GLU A 134 -15.62 6.10 -18.64
N PHE A 135 -15.52 6.94 -19.64
CA PHE A 135 -15.45 8.37 -19.40
C PHE A 135 -16.74 9.05 -19.79
N THR A 136 -17.20 9.95 -18.93
CA THR A 136 -18.42 10.69 -19.18
C THR A 136 -18.10 12.16 -19.15
N PHE A 137 -18.62 12.90 -20.14
CA PHE A 137 -18.38 14.33 -20.25
C PHE A 137 -19.62 15.18 -20.06
N VAL A 138 -19.64 15.89 -18.95
CA VAL A 138 -20.75 16.77 -18.61
C VAL A 138 -20.39 18.23 -18.92
N ALA A 139 -21.19 18.86 -19.77
CA ALA A 139 -20.92 20.24 -20.17
C ALA A 139 -22.10 21.16 -19.94
N CYS A 140 -21.80 22.39 -19.55
CA CYS A 140 -22.83 23.39 -19.30
C CYS A 140 -22.12 24.71 -19.05
N THR A 141 -22.88 25.79 -18.94
CA THR A 141 -22.30 27.09 -18.69
C THR A 141 -21.88 27.12 -17.22
N PRO A 142 -21.22 28.20 -16.78
CA PRO A 142 -20.80 28.27 -15.38
C PRO A 142 -21.92 28.31 -14.36
N THR A 143 -23.15 28.59 -14.80
CA THR A 143 -24.29 28.63 -13.88
C THR A 143 -25.03 27.30 -13.87
N GLY A 144 -24.51 26.34 -14.63
CA GLY A 144 -25.14 25.04 -14.71
C GLY A 144 -26.27 25.10 -15.72
N GLU A 145 -26.21 26.10 -16.60
CA GLU A 145 -27.24 26.28 -17.61
C GLU A 145 -26.92 25.49 -18.88
N VAL A 146 -27.95 25.13 -19.62
CA VAL A 146 -27.78 24.37 -20.85
C VAL A 146 -28.15 25.24 -22.03
N VAL A 147 -27.26 25.30 -23.01
CA VAL A 147 -27.50 26.11 -24.20
C VAL A 147 -27.24 25.30 -25.46
N PRO A 148 -27.83 25.72 -26.59
CA PRO A 148 -27.70 25.05 -27.88
C PRO A 148 -26.32 25.24 -28.54
N GLN A 149 -25.32 24.58 -28.00
CA GLN A 149 -23.95 24.68 -28.52
C GLN A 149 -23.45 23.31 -28.95
N LEU A 150 -22.78 23.27 -30.08
CA LEU A 150 -22.21 22.02 -30.59
C LEU A 150 -20.74 21.98 -30.23
N LEU A 151 -20.30 20.87 -29.66
CA LEU A 151 -18.90 20.73 -29.26
C LEU A 151 -18.21 19.55 -29.95
N GLN A 152 -16.89 19.60 -30.00
CA GLN A 152 -16.12 18.50 -30.56
C GLN A 152 -15.04 18.12 -29.57
N TYR A 153 -15.00 16.84 -29.18
CA TYR A 153 -13.96 16.37 -28.26
C TYR A 153 -13.10 15.46 -29.12
N MET A 154 -11.79 15.51 -28.91
CA MET A 154 -10.90 14.67 -29.69
C MET A 154 -9.76 14.16 -28.83
N PHE A 155 -9.43 12.89 -29.02
CA PHE A 155 -8.35 12.27 -28.29
C PHE A 155 -7.10 12.37 -29.14
N VAL A 156 -6.09 13.07 -28.62
CA VAL A 156 -4.85 13.24 -29.36
C VAL A 156 -3.74 12.47 -28.65
N PRO A 157 -3.44 11.26 -29.15
CA PRO A 157 -2.40 10.40 -28.56
C PRO A 157 -1.04 11.02 -28.78
N PRO A 158 -0.05 10.62 -27.97
CA PRO A 158 1.31 11.15 -28.09
C PRO A 158 1.83 10.99 -29.51
N GLY A 159 2.18 12.10 -30.14
CA GLY A 159 2.68 12.04 -31.49
C GLY A 159 1.72 12.63 -32.51
N ALA A 160 0.45 12.76 -32.13
CA ALA A 160 -0.53 13.34 -33.03
C ALA A 160 -0.48 14.85 -32.81
N PRO A 161 -0.81 15.63 -33.84
CA PRO A 161 -0.82 17.11 -33.81
C PRO A 161 -1.84 17.66 -32.84
N LYS A 162 -1.38 18.44 -31.86
CA LYS A 162 -2.30 19.08 -30.90
C LYS A 162 -2.91 20.31 -31.58
N PRO A 163 -4.23 20.49 -31.48
CA PRO A 163 -4.84 21.65 -32.11
C PRO A 163 -4.27 22.92 -31.49
N ASP A 164 -3.93 23.91 -32.31
CA ASP A 164 -3.40 25.18 -31.80
C ASP A 164 -4.46 26.28 -31.85
N SER A 165 -5.65 25.95 -32.36
CA SER A 165 -6.72 26.94 -32.45
C SER A 165 -8.06 26.27 -32.75
N ARG A 166 -9.12 27.05 -32.60
CA ARG A 166 -10.46 26.56 -32.85
C ARG A 166 -10.60 26.11 -34.32
N GLU A 167 -9.77 26.65 -35.20
CA GLU A 167 -9.82 26.33 -36.63
C GLU A 167 -8.68 25.44 -37.15
N SER A 168 -7.86 24.93 -36.23
CA SER A 168 -6.73 24.08 -36.58
C SER A 168 -7.11 22.93 -37.53
N LEU A 169 -6.23 22.65 -38.48
CA LEU A 169 -6.47 21.55 -39.43
C LEU A 169 -6.61 20.20 -38.75
N ALA A 170 -6.03 20.07 -37.56
CA ALA A 170 -6.08 18.81 -36.82
C ALA A 170 -7.49 18.32 -36.53
N TRP A 171 -8.48 19.23 -36.46
CA TRP A 171 -9.85 18.83 -36.17
C TRP A 171 -10.50 18.06 -37.31
N GLN A 172 -9.76 17.85 -38.40
CA GLN A 172 -10.28 17.08 -39.52
C GLN A 172 -10.50 15.67 -38.97
N THR A 173 -9.76 15.36 -37.90
CA THR A 173 -9.83 14.11 -37.16
C THR A 173 -10.00 12.82 -38.01
N ALA A 174 -9.25 12.74 -39.11
CA ALA A 174 -9.32 11.59 -40.02
C ALA A 174 -8.92 10.24 -39.41
N THR A 175 -8.16 10.25 -38.32
CA THR A 175 -7.73 9.01 -37.69
C THR A 175 -7.97 9.01 -36.18
N ASN A 176 -7.78 10.17 -35.53
CA ASN A 176 -8.01 10.24 -34.09
C ASN A 176 -9.50 10.04 -33.84
N PRO A 177 -9.86 9.64 -32.61
CA PRO A 177 -11.29 9.45 -32.36
C PRO A 177 -11.83 10.81 -31.88
N SER A 178 -12.96 11.24 -32.44
CA SER A 178 -13.59 12.49 -32.02
C SER A 178 -15.03 12.20 -31.69
N VAL A 179 -15.65 13.09 -30.92
CA VAL A 179 -17.05 12.96 -30.55
C VAL A 179 -17.71 14.31 -30.75
N PHE A 180 -18.83 14.33 -31.48
CA PHE A 180 -19.54 15.58 -31.68
C PHE A 180 -20.84 15.45 -30.89
N VAL A 181 -21.13 16.44 -30.06
CA VAL A 181 -22.34 16.38 -29.25
C VAL A 181 -22.81 17.78 -28.84
N LYS A 182 -24.11 17.94 -28.59
CA LYS A 182 -24.68 19.23 -28.18
C LYS A 182 -24.78 19.28 -26.65
N LEU A 183 -24.74 20.49 -26.07
CA LEU A 183 -24.88 20.61 -24.63
C LEU A 183 -26.28 20.14 -24.25
N SER A 184 -27.22 20.27 -25.17
CA SER A 184 -28.58 19.85 -24.91
C SER A 184 -28.65 18.33 -24.81
N ASP A 185 -27.85 17.61 -25.62
CA ASP A 185 -27.84 16.15 -25.57
C ASP A 185 -27.38 15.68 -24.17
N PRO A 186 -27.58 14.39 -23.83
CA PRO A 186 -27.14 13.91 -22.52
C PRO A 186 -25.62 13.86 -22.55
N PRO A 187 -24.98 13.68 -21.39
CA PRO A 187 -23.52 13.62 -21.34
C PRO A 187 -22.93 12.61 -22.31
N ALA A 188 -21.92 13.00 -23.08
CA ALA A 188 -21.29 12.08 -24.01
C ALA A 188 -20.61 11.00 -23.14
N GLN A 189 -20.53 9.77 -23.64
CA GLN A 189 -19.93 8.68 -22.87
C GLN A 189 -19.31 7.61 -23.75
N VAL A 190 -18.05 7.27 -23.47
CA VAL A 190 -17.33 6.27 -24.25
C VAL A 190 -16.50 5.32 -23.39
N SER A 191 -16.11 4.20 -23.98
CA SER A 191 -15.27 3.22 -23.29
C SER A 191 -13.84 3.36 -23.81
N VAL A 192 -12.90 3.26 -22.89
CA VAL A 192 -11.49 3.41 -23.19
C VAL A 192 -10.74 2.16 -22.73
N PRO A 193 -9.90 1.57 -23.60
CA PRO A 193 -9.14 0.36 -23.23
C PRO A 193 -7.88 0.64 -22.43
N PHE A 194 -7.16 -0.41 -22.06
CA PHE A 194 -5.92 -0.22 -21.33
C PHE A 194 -4.87 0.07 -22.39
N MET A 195 -4.48 1.34 -22.48
CA MET A 195 -3.54 1.76 -23.51
C MET A 195 -2.06 1.86 -23.21
N SER A 196 -1.62 1.56 -22.00
CA SER A 196 -0.19 1.68 -21.74
C SER A 196 0.65 0.69 -22.52
N PRO A 197 1.95 1.02 -22.71
CA PRO A 197 2.93 0.20 -23.42
C PRO A 197 3.44 -0.80 -22.39
N ALA A 198 3.14 -0.53 -21.12
CA ALA A 198 3.54 -1.41 -20.02
C ALA A 198 2.37 -2.33 -19.73
N SER A 199 2.57 -3.32 -18.86
CA SER A 199 1.49 -4.24 -18.53
C SER A 199 0.50 -3.60 -17.57
N ALA A 200 0.90 -2.46 -17.00
CA ALA A 200 0.06 -1.75 -16.05
C ALA A 200 0.50 -0.31 -15.86
N TYR A 201 -0.44 0.58 -15.56
CA TYR A 201 -0.06 1.97 -15.30
C TYR A 201 0.49 1.84 -13.88
N GLN A 202 1.25 2.84 -13.44
CA GLN A 202 1.78 2.82 -12.08
C GLN A 202 1.71 4.24 -11.54
N TRP A 203 1.16 4.38 -10.35
CA TRP A 203 1.00 5.69 -9.73
C TRP A 203 2.29 6.18 -9.12
N PHE A 204 3.30 5.32 -9.11
CA PHE A 204 4.59 5.69 -8.54
C PHE A 204 5.73 5.10 -9.34
N TYR A 205 6.67 5.95 -9.73
CA TYR A 205 7.82 5.49 -10.50
C TYR A 205 9.07 6.09 -9.86
N ASP A 206 9.72 5.32 -9.00
CA ASP A 206 10.93 5.81 -8.34
C ASP A 206 12.10 5.74 -9.29
N GLY A 207 12.17 6.71 -10.20
CA GLY A 207 13.25 6.73 -11.17
C GLY A 207 13.19 7.92 -12.10
N TYR A 208 14.06 7.91 -13.10
CA TYR A 208 14.14 8.97 -14.09
C TYR A 208 13.74 8.34 -15.42
N PRO A 209 13.23 9.13 -16.35
CA PRO A 209 12.83 8.59 -17.65
C PRO A 209 13.94 8.45 -18.69
N THR A 210 15.10 9.03 -18.43
CA THR A 210 16.21 8.97 -19.39
C THR A 210 17.58 8.92 -18.74
N PHE A 211 18.59 8.58 -19.54
CA PHE A 211 19.97 8.49 -19.05
C PHE A 211 20.62 9.87 -19.01
N GLY A 212 21.83 9.94 -18.45
CA GLY A 212 22.53 11.21 -18.38
C GLY A 212 22.67 11.78 -16.98
N GLU A 213 23.38 12.90 -16.86
CA GLU A 213 23.54 13.55 -15.56
C GLU A 213 22.21 14.15 -15.17
N HIS A 214 21.78 13.88 -13.95
CA HIS A 214 20.50 14.39 -13.50
C HIS A 214 20.64 15.63 -12.65
N LYS A 215 21.13 16.69 -13.30
CA LYS A 215 21.36 18.00 -12.72
C LYS A 215 20.05 18.67 -12.31
N GLN A 216 20.16 19.68 -11.44
CA GLN A 216 19.03 20.45 -10.93
C GLN A 216 17.93 20.78 -11.94
N GLU A 217 18.32 21.33 -13.09
CA GLU A 217 17.36 21.71 -14.13
C GLU A 217 16.37 20.59 -14.45
N LYS A 218 16.91 19.40 -14.67
CA LYS A 218 16.10 18.23 -15.01
C LYS A 218 15.49 17.47 -13.83
N ASP A 219 15.57 18.02 -12.61
CA ASP A 219 15.00 17.30 -11.49
C ASP A 219 13.48 17.31 -11.52
N LEU A 220 12.88 17.99 -12.49
CA LEU A 220 11.43 18.00 -12.57
C LEU A 220 10.97 16.67 -13.16
N GLU A 221 11.85 15.99 -13.89
CA GLU A 221 11.47 14.72 -14.49
C GLU A 221 11.61 13.50 -13.58
N TYR A 222 11.99 13.71 -12.33
CA TYR A 222 12.08 12.59 -11.41
C TYR A 222 10.67 12.09 -11.11
N GLY A 223 10.45 10.80 -11.35
CA GLY A 223 9.14 10.22 -11.10
C GLY A 223 8.22 10.23 -12.30
N ALA A 224 8.66 10.86 -13.38
CA ALA A 224 7.86 10.93 -14.59
C ALA A 224 8.12 9.71 -15.46
N CYS A 225 7.08 8.93 -15.73
CA CYS A 225 7.20 7.74 -16.55
C CYS A 225 6.22 7.80 -17.71
N PRO A 226 6.72 7.88 -18.95
CA PRO A 226 5.92 7.96 -20.16
C PRO A 226 4.84 6.90 -20.28
N ASN A 227 5.07 5.73 -19.68
CA ASN A 227 4.07 4.69 -19.77
C ASN A 227 2.74 5.14 -19.15
N ASN A 228 2.77 6.20 -18.33
CA ASN A 228 1.55 6.71 -17.69
C ASN A 228 0.93 7.88 -18.46
N MET A 229 1.64 8.37 -19.48
CA MET A 229 1.14 9.53 -20.24
C MET A 229 0.43 9.11 -21.52
N MET A 230 -0.89 8.97 -21.42
CA MET A 230 -1.70 8.52 -22.53
C MET A 230 -2.02 9.53 -23.62
N GLY A 231 -1.73 10.81 -23.40
CA GLY A 231 -2.02 11.78 -24.43
C GLY A 231 -2.76 13.04 -24.01
N THR A 232 -3.38 13.70 -24.98
CA THR A 232 -4.11 14.94 -24.78
C THR A 232 -5.58 14.85 -25.16
N PHE A 233 -6.45 15.50 -24.39
CA PHE A 233 -7.88 15.52 -24.69
C PHE A 233 -8.22 16.97 -25.08
N SER A 234 -8.58 17.18 -26.34
CA SER A 234 -8.88 18.52 -26.82
C SER A 234 -10.36 18.72 -27.05
N VAL A 235 -10.84 19.92 -26.78
CA VAL A 235 -12.24 20.24 -26.97
C VAL A 235 -12.31 21.64 -27.59
N ARG A 236 -13.36 21.89 -28.37
CA ARG A 236 -13.54 23.19 -29.02
C ARG A 236 -15.00 23.39 -29.39
N THR A 237 -15.41 24.64 -29.51
CA THR A 237 -16.78 24.91 -29.95
C THR A 237 -16.60 24.70 -31.45
N VAL A 238 -17.61 24.16 -32.13
CA VAL A 238 -17.45 23.88 -33.54
C VAL A 238 -17.86 25.04 -34.43
N GLY A 239 -16.93 25.95 -34.67
CA GLY A 239 -17.25 27.08 -35.53
C GLY A 239 -16.05 27.91 -35.91
N THR A 240 -16.26 28.86 -36.81
CA THR A 240 -15.21 29.75 -37.26
C THR A 240 -15.29 31.09 -36.56
N SER A 241 -16.31 31.27 -35.73
CA SER A 241 -16.52 32.50 -34.99
C SER A 241 -16.62 32.16 -33.51
N LYS A 242 -16.32 33.13 -32.65
CA LYS A 242 -16.38 32.87 -31.23
C LYS A 242 -17.77 32.43 -30.79
N SER A 243 -17.82 31.52 -29.83
CA SER A 243 -19.08 31.02 -29.30
C SER A 243 -19.72 32.15 -28.50
N LYS A 244 -21.05 32.14 -28.42
CA LYS A 244 -21.75 33.19 -27.68
C LYS A 244 -21.74 32.92 -26.17
N TYR A 245 -21.51 31.67 -25.77
CA TYR A 245 -21.52 31.32 -24.36
C TYR A 245 -20.25 30.69 -23.81
N PRO A 246 -19.95 30.95 -22.53
CA PRO A 246 -18.76 30.41 -21.84
C PRO A 246 -19.14 28.99 -21.41
N LEU A 247 -18.19 28.07 -21.46
CA LEU A 247 -18.49 26.69 -21.12
C LEU A 247 -17.55 26.04 -20.12
N VAL A 248 -18.02 24.93 -19.55
CA VAL A 248 -17.25 24.15 -18.60
C VAL A 248 -17.54 22.68 -18.87
N VAL A 249 -16.48 21.89 -18.94
CA VAL A 249 -16.66 20.47 -19.18
C VAL A 249 -16.06 19.74 -17.99
N ARG A 250 -16.88 18.93 -17.32
CA ARG A 250 -16.40 18.16 -16.20
C ARG A 250 -16.22 16.74 -16.71
N ILE A 251 -15.05 16.17 -16.45
CA ILE A 251 -14.71 14.83 -16.90
C ILE A 251 -14.80 13.83 -15.76
N TYR A 252 -15.61 12.79 -15.96
CA TYR A 252 -15.77 11.76 -14.95
C TYR A 252 -15.23 10.44 -15.45
N MET A 253 -14.52 9.72 -14.57
CA MET A 253 -13.96 8.44 -14.95
C MET A 253 -14.50 7.29 -14.09
N ARG A 254 -14.84 6.20 -14.76
CA ARG A 254 -15.34 5.03 -14.06
C ARG A 254 -14.55 3.83 -14.52
N MET A 255 -13.61 3.39 -13.69
CA MET A 255 -12.78 2.24 -14.02
C MET A 255 -13.61 0.96 -14.03
N LYS A 256 -13.21 0.00 -14.86
CA LYS A 256 -13.89 -1.29 -14.94
C LYS A 256 -12.89 -2.35 -15.41
N HIS A 257 -13.07 -3.59 -14.97
CA HIS A 257 -12.14 -4.68 -15.33
C HIS A 257 -10.82 -4.27 -14.73
N VAL A 258 -10.80 -4.18 -13.40
CA VAL A 258 -9.63 -3.75 -12.67
C VAL A 258 -8.77 -4.82 -12.04
N ARG A 259 -7.46 -4.60 -12.11
CA ARG A 259 -6.47 -5.47 -11.49
C ARG A 259 -5.43 -4.56 -10.85
N ALA A 260 -5.00 -4.88 -9.63
CA ALA A 260 -4.03 -4.06 -8.94
C ALA A 260 -3.02 -4.91 -8.18
N TRP A 261 -1.82 -4.37 -8.02
CA TRP A 261 -0.75 -5.06 -7.33
C TRP A 261 -0.01 -4.13 -6.36
N ILE A 262 0.53 -4.72 -5.29
CA ILE A 262 1.33 -3.99 -4.31
C ILE A 262 0.62 -2.86 -3.57
N PRO A 263 0.00 -3.18 -2.42
CA PRO A 263 -0.72 -2.18 -1.61
C PRO A 263 0.33 -1.24 -1.00
N ARG A 264 -0.07 0.00 -0.71
CA ARG A 264 0.83 1.00 -0.11
C ARG A 264 0.12 1.73 1.03
N PRO A 265 0.89 2.43 1.88
CA PRO A 265 0.26 3.15 2.99
C PRO A 265 -0.56 4.25 2.30
N MET A 266 -1.73 4.58 2.85
CA MET A 266 -2.56 5.61 2.24
C MET A 266 -2.19 7.03 2.65
N ARG A 267 -2.15 7.91 1.64
CA ARG A 267 -1.83 9.32 1.78
C ARG A 267 -2.45 9.90 3.05
N ASN A 268 -1.66 10.62 3.84
CA ASN A 268 -2.18 11.21 5.08
C ASN A 268 -1.86 12.69 5.24
N GLN A 269 -1.30 13.31 4.18
CA GLN A 269 -0.98 14.72 4.19
C GLN A 269 -1.65 15.33 2.94
N ASN A 270 -2.10 16.57 3.03
CA ASN A 270 -2.74 17.20 1.88
C ASN A 270 -1.89 17.11 0.63
N TYR A 271 -2.55 16.97 -0.52
CA TYR A 271 -1.85 16.91 -1.81
C TYR A 271 -1.53 18.34 -2.24
N LEU A 272 -0.42 18.53 -2.94
CA LEU A 272 -0.03 19.87 -3.37
C LEU A 272 0.13 19.97 -4.87
N PHE A 273 0.67 18.93 -5.48
CA PHE A 273 0.93 18.92 -6.92
C PHE A 273 0.53 17.61 -7.59
N LYS A 274 0.27 17.65 -8.90
CA LYS A 274 -0.11 16.45 -9.60
C LYS A 274 1.01 15.45 -9.74
N ALA A 275 2.15 15.96 -10.18
CA ALA A 275 3.32 15.13 -10.43
C ALA A 275 4.11 14.53 -9.28
N ASN A 276 3.83 14.91 -8.04
CA ASN A 276 4.62 14.33 -6.97
C ASN A 276 3.95 14.29 -5.62
N PRO A 277 4.56 13.55 -4.69
CA PRO A 277 4.04 13.41 -3.32
C PRO A 277 4.44 14.52 -2.37
N ASN A 278 4.94 15.63 -2.90
CA ASN A 278 5.35 16.77 -2.05
C ASN A 278 4.26 17.09 -1.03
N TYR A 279 4.68 17.41 0.19
CA TYR A 279 3.75 17.77 1.26
C TYR A 279 4.25 19.05 1.92
N ALA A 280 3.37 19.77 2.61
CA ALA A 280 3.76 21.00 3.27
C ALA A 280 4.54 20.70 4.55
N GLY A 281 5.85 20.92 4.50
CA GLY A 281 6.73 20.65 5.63
C GLY A 281 6.45 21.34 6.96
N ASN A 282 5.99 22.59 6.91
CA ASN A 282 5.72 23.30 8.15
C ASN A 282 4.34 22.93 8.67
N SER A 283 3.67 22.04 7.96
CA SER A 283 2.34 21.64 8.35
C SER A 283 2.11 20.11 8.37
N ILE A 284 3.09 19.36 8.88
CA ILE A 284 2.93 17.90 8.96
C ILE A 284 1.89 17.66 10.05
N LYS A 285 0.76 17.08 9.69
CA LYS A 285 -0.26 16.83 10.70
C LYS A 285 -0.31 15.33 10.99
N PRO A 286 -0.78 14.94 12.19
CA PRO A 286 -0.87 13.51 12.52
C PRO A 286 -1.89 12.92 11.57
N THR A 287 -1.98 11.61 11.51
CA THR A 287 -2.94 11.00 10.62
C THR A 287 -4.38 11.22 11.08
N GLY A 288 -4.61 11.27 12.40
CA GLY A 288 -5.95 11.47 12.90
C GLY A 288 -6.12 12.33 14.14
N ALA A 289 -7.33 12.31 14.72
CA ALA A 289 -7.66 13.06 15.92
C ALA A 289 -6.67 12.77 17.05
N SER A 290 -6.48 13.71 17.97
CA SER A 290 -5.55 13.53 19.10
C SER A 290 -6.32 13.73 20.41
N ARG A 291 -5.68 13.44 21.55
CA ARG A 291 -6.35 13.64 22.84
C ARG A 291 -5.37 14.16 23.87
N THR A 292 -5.89 14.61 25.01
CA THR A 292 -5.04 15.18 26.05
C THR A 292 -4.15 14.17 26.75
N ALA A 293 -4.67 12.98 27.04
CA ALA A 293 -3.87 11.97 27.72
C ALA A 293 -4.18 10.57 27.26
N ILE A 294 -3.22 9.68 27.48
CA ILE A 294 -3.33 8.29 27.09
C ILE A 294 -4.25 7.49 28.02
N THR A 295 -4.57 8.06 29.18
CA THR A 295 -5.43 7.38 30.15
C THR A 295 -6.85 7.93 30.23
N THR A 296 -7.19 8.84 29.33
CA THR A 296 -8.53 9.44 29.31
C THR A 296 -9.11 9.41 27.92
N LEU A 297 -10.42 9.24 27.82
CA LEU A 297 -11.05 9.25 26.52
C LEU A 297 -11.24 10.68 26.10
N SER B 10 15.57 -23.63 16.43
CA SER B 10 15.18 -24.37 15.19
C SER B 10 14.40 -23.44 14.26
N ASP B 11 14.37 -22.17 14.61
CA ASP B 11 13.67 -21.14 13.86
C ASP B 11 14.34 -19.81 14.26
N ARG B 12 15.15 -19.89 15.32
CA ARG B 12 15.89 -18.76 15.87
C ARG B 12 17.32 -18.87 15.36
N VAL B 13 17.63 -20.02 14.79
CA VAL B 13 18.96 -20.28 14.24
C VAL B 13 18.89 -20.48 12.72
N ALA B 14 19.83 -19.91 11.98
CA ALA B 14 19.79 -20.05 10.52
C ALA B 14 21.11 -19.84 9.79
N GLN B 15 21.17 -20.34 8.56
CA GLN B 15 22.35 -20.20 7.72
C GLN B 15 21.95 -19.90 6.27
N LEU B 16 22.51 -18.83 5.71
CA LEU B 16 22.20 -18.45 4.35
C LEU B 16 23.48 -18.59 3.54
N THR B 17 23.45 -19.49 2.57
CA THR B 17 24.61 -19.68 1.74
C THR B 17 24.24 -19.50 0.28
N ILE B 18 24.97 -18.64 -0.40
CA ILE B 18 24.71 -18.38 -1.80
C ILE B 18 26.01 -17.81 -2.37
N GLY B 19 26.45 -18.38 -3.50
CA GLY B 19 27.70 -17.93 -4.09
C GLY B 19 28.83 -18.44 -3.21
N ASN B 20 29.86 -17.63 -2.99
CA ASN B 20 30.97 -18.02 -2.14
C ASN B 20 30.82 -17.35 -0.77
N SER B 21 29.57 -17.06 -0.41
CA SER B 21 29.30 -16.37 0.85
C SER B 21 28.28 -17.08 1.75
N THR B 22 28.56 -17.09 3.04
CA THR B 22 27.68 -17.70 4.03
C THR B 22 27.42 -16.81 5.24
N ILE B 23 26.15 -16.71 5.62
CA ILE B 23 25.75 -15.91 6.76
C ILE B 23 25.15 -16.82 7.82
N THR B 24 25.44 -16.51 9.08
CA THR B 24 24.92 -17.29 10.18
C THR B 24 24.27 -16.35 11.18
N THR B 25 23.29 -16.86 11.92
CA THR B 25 22.62 -16.08 12.95
C THR B 25 22.09 -17.08 13.96
N GLN B 26 22.16 -16.73 15.23
CA GLN B 26 21.69 -17.62 16.28
C GLN B 26 20.48 -17.02 17.00
N GLU B 27 20.00 -15.89 16.47
CA GLU B 27 18.84 -15.19 17.01
C GLU B 27 18.01 -14.56 15.90
N ALA B 28 17.46 -15.41 15.06
CA ALA B 28 16.64 -14.98 13.95
C ALA B 28 15.17 -15.10 14.32
N ALA B 29 14.31 -14.64 13.44
CA ALA B 29 12.88 -14.71 13.68
C ALA B 29 12.23 -15.10 12.36
N ASN B 30 12.62 -16.26 11.85
CA ASN B 30 12.10 -16.78 10.60
C ASN B 30 12.56 -15.93 9.42
N ILE B 31 12.01 -16.21 8.25
CA ILE B 31 12.34 -15.52 7.00
C ILE B 31 11.08 -15.10 6.27
N ILE B 32 11.07 -13.89 5.73
CA ILE B 32 9.90 -13.40 5.01
C ILE B 32 10.13 -13.54 3.51
N VAL B 33 9.12 -14.02 2.79
CA VAL B 33 9.24 -14.14 1.34
C VAL B 33 8.20 -13.18 0.78
N GLY B 34 8.68 -12.00 0.40
CA GLY B 34 7.84 -10.95 -0.11
C GLY B 34 6.70 -11.34 -1.01
N TYR B 35 5.50 -10.87 -0.66
CA TYR B 35 4.32 -11.15 -1.46
C TYR B 35 4.18 -12.63 -1.75
N GLY B 36 4.73 -13.43 -0.85
CA GLY B 36 4.64 -14.86 -0.96
C GLY B 36 5.24 -15.56 -2.16
N GLU B 37 6.22 -14.99 -2.83
CA GLU B 37 6.80 -15.73 -3.95
C GLU B 37 8.28 -15.53 -4.19
N TRP B 38 8.93 -16.63 -4.51
CA TRP B 38 10.37 -16.64 -4.77
C TRP B 38 10.76 -16.03 -6.09
N PRO B 39 11.98 -15.50 -6.13
CA PRO B 39 12.54 -14.87 -7.33
C PRO B 39 12.63 -15.97 -8.39
N SER B 40 12.47 -15.62 -9.66
CA SER B 40 12.54 -16.59 -10.74
C SER B 40 12.95 -15.87 -12.01
N TYR B 41 13.59 -16.59 -12.93
CA TYR B 41 14.00 -15.97 -14.19
C TYR B 41 12.77 -15.65 -15.04
N CYS B 42 12.92 -14.67 -15.93
CA CYS B 42 11.81 -14.25 -16.79
C CYS B 42 11.49 -15.30 -17.84
N SER B 43 10.22 -15.71 -17.90
CA SER B 43 9.76 -16.73 -18.85
C SER B 43 9.75 -16.24 -20.28
N ASP B 44 9.74 -17.18 -21.24
CA ASP B 44 9.71 -16.82 -22.66
C ASP B 44 8.41 -16.13 -23.08
N SER B 45 7.39 -16.16 -22.21
CA SER B 45 6.10 -15.54 -22.52
C SER B 45 6.08 -14.09 -22.11
N ASP B 46 6.65 -13.81 -20.94
CA ASP B 46 6.71 -12.46 -20.41
C ASP B 46 7.80 -11.65 -21.10
N ALA B 47 8.89 -12.31 -21.47
CA ALA B 47 9.98 -11.62 -22.13
C ALA B 47 9.52 -10.93 -23.42
N THR B 48 10.25 -9.89 -23.82
CA THR B 48 9.92 -9.19 -25.05
C THR B 48 11.19 -8.93 -25.87
N ALA B 49 12.30 -8.57 -25.20
CA ALA B 49 13.56 -8.34 -25.91
C ALA B 49 14.03 -9.68 -26.48
N VAL B 50 14.56 -9.66 -27.69
CA VAL B 50 14.99 -10.89 -28.35
C VAL B 50 16.40 -11.41 -28.10
N ASP B 51 17.34 -10.58 -27.67
CA ASP B 51 18.70 -11.09 -27.46
C ASP B 51 18.78 -12.07 -26.30
N LYS B 52 19.63 -13.07 -26.47
CA LYS B 52 19.82 -14.09 -25.43
C LYS B 52 20.50 -13.40 -24.24
N PRO B 53 19.88 -13.47 -23.05
CA PRO B 53 20.44 -12.84 -21.84
C PRO B 53 21.70 -13.52 -21.35
N THR B 54 22.37 -12.89 -20.39
CA THR B 54 23.57 -13.46 -19.76
C THR B 54 23.16 -13.67 -18.30
N ARG B 55 23.48 -14.83 -17.74
CA ARG B 55 23.11 -15.08 -16.35
C ARG B 55 24.37 -15.54 -15.61
N PRO B 56 25.22 -14.59 -15.20
CA PRO B 56 26.49 -14.76 -14.49
C PRO B 56 26.42 -15.75 -13.33
N ASP B 57 25.25 -15.87 -12.72
CA ASP B 57 25.08 -16.81 -11.63
C ASP B 57 25.97 -16.49 -10.41
N VAL B 58 26.79 -17.44 -9.99
CA VAL B 58 27.63 -17.26 -8.80
C VAL B 58 28.48 -16.00 -8.66
N SER B 59 28.96 -15.43 -9.76
CA SER B 59 29.80 -14.24 -9.65
C SER B 59 29.03 -12.99 -9.22
N VAL B 60 27.71 -13.02 -9.35
CA VAL B 60 26.90 -11.86 -8.98
C VAL B 60 25.79 -12.15 -7.97
N ASN B 61 25.34 -13.40 -7.90
CA ASN B 61 24.30 -13.75 -6.94
C ASN B 61 25.03 -14.23 -5.70
N ARG B 62 25.41 -13.28 -4.86
CA ARG B 62 26.16 -13.56 -3.64
C ARG B 62 25.93 -12.43 -2.64
N PHE B 63 26.36 -12.63 -1.40
CA PHE B 63 26.17 -11.61 -0.38
C PHE B 63 27.20 -10.48 -0.37
N TYR B 64 26.70 -9.27 -0.59
CA TYR B 64 27.54 -8.08 -0.58
C TYR B 64 27.19 -7.32 0.70
N THR B 65 28.19 -7.03 1.53
CA THR B 65 27.99 -6.28 2.78
C THR B 65 28.40 -4.83 2.48
N LEU B 66 27.40 -4.00 2.19
CA LEU B 66 27.60 -2.61 1.79
C LEU B 66 27.73 -1.45 2.76
N ASP B 67 27.06 -1.48 3.90
CA ASP B 67 27.14 -0.29 4.73
C ASP B 67 26.79 -0.52 6.18
N THR B 68 27.31 0.34 7.05
CA THR B 68 27.03 0.24 8.48
C THR B 68 26.66 1.60 9.01
N LYS B 69 25.59 1.65 9.80
CA LYS B 69 25.15 2.90 10.38
C LYS B 69 25.18 2.70 11.88
N LEU B 70 25.18 3.80 12.64
CA LEU B 70 25.20 3.69 14.08
C LEU B 70 23.83 4.07 14.63
N TRP B 71 23.29 3.19 15.44
CA TRP B 71 21.99 3.45 16.02
C TRP B 71 22.21 4.29 17.26
N GLU B 72 21.49 5.40 17.36
CA GLU B 72 21.62 6.27 18.52
C GLU B 72 20.27 6.57 19.13
N LYS B 73 20.27 6.97 20.39
CA LYS B 73 19.03 7.26 21.08
C LYS B 73 18.18 8.29 20.34
N SER B 74 18.78 8.96 19.35
CA SER B 74 18.07 9.99 18.59
C SER B 74 17.98 9.74 17.08
N SER B 75 18.45 8.58 16.62
CA SER B 75 18.41 8.27 15.19
C SER B 75 17.01 8.38 14.65
N LYS B 76 16.87 8.77 13.38
CA LYS B 76 15.55 8.90 12.78
C LYS B 76 15.19 7.73 11.89
N GLY B 77 16.19 7.15 11.24
CA GLY B 77 15.93 6.04 10.35
C GLY B 77 16.52 6.33 8.99
N TRP B 78 16.83 5.29 8.23
CA TRP B 78 17.45 5.47 6.92
C TRP B 78 16.76 4.64 5.85
N TYR B 79 17.13 4.90 4.60
CA TYR B 79 16.60 4.13 3.48
C TYR B 79 17.70 3.95 2.43
N TRP B 80 17.61 2.87 1.66
CA TRP B 80 18.58 2.60 0.61
C TRP B 80 17.74 2.19 -0.59
N LYS B 81 18.28 2.32 -1.79
CA LYS B 81 17.51 1.95 -2.95
C LYS B 81 18.13 0.86 -3.80
N PHE B 82 17.26 -0.03 -4.29
CA PHE B 82 17.70 -1.15 -5.10
C PHE B 82 17.20 -0.98 -6.55
N PRO B 83 18.07 -1.31 -7.53
CA PRO B 83 19.43 -1.82 -7.33
C PRO B 83 20.52 -0.76 -7.16
N ASP B 84 20.13 0.50 -6.98
CA ASP B 84 21.12 1.57 -6.82
C ASP B 84 22.32 1.21 -5.93
N VAL B 85 22.07 0.55 -4.80
CA VAL B 85 23.15 0.18 -3.88
C VAL B 85 24.30 -0.65 -4.47
N LEU B 86 24.00 -1.52 -5.42
CA LEU B 86 25.05 -2.35 -6.02
C LEU B 86 25.59 -1.89 -7.36
N THR B 87 24.95 -0.92 -8.00
CA THR B 87 25.41 -0.50 -9.32
C THR B 87 26.91 -0.24 -9.47
N GLU B 88 27.63 -0.02 -8.37
CA GLU B 88 29.07 0.21 -8.50
C GLU B 88 29.88 -0.79 -7.70
N THR B 89 29.32 -1.97 -7.49
CA THR B 89 30.01 -2.98 -6.69
C THR B 89 30.14 -4.36 -7.32
N GLY B 90 31.36 -4.89 -7.27
CA GLY B 90 31.64 -6.21 -7.81
C GLY B 90 31.23 -6.50 -9.24
N VAL B 91 31.19 -7.79 -9.56
CA VAL B 91 30.84 -8.23 -10.90
C VAL B 91 29.40 -7.85 -11.20
N PHE B 92 28.58 -7.75 -10.16
CA PHE B 92 27.20 -7.36 -10.38
C PHE B 92 27.16 -5.95 -10.96
N GLY B 93 27.87 -5.03 -10.32
CA GLY B 93 27.89 -3.67 -10.79
C GLY B 93 28.33 -3.58 -12.24
N GLN B 94 29.39 -4.30 -12.58
CA GLN B 94 29.89 -4.25 -13.94
C GLN B 94 28.81 -4.67 -14.93
N ASN B 95 28.10 -5.75 -14.63
CA ASN B 95 27.05 -6.20 -15.54
C ASN B 95 25.93 -5.18 -15.64
N ALA B 96 25.62 -4.54 -14.52
CA ALA B 96 24.57 -3.53 -14.52
C ALA B 96 24.95 -2.35 -15.40
N GLN B 97 26.24 -2.08 -15.50
CA GLN B 97 26.73 -0.96 -16.28
C GLN B 97 26.85 -1.27 -17.76
N PHE B 98 27.34 -2.47 -18.08
CA PHE B 98 27.49 -2.86 -19.49
C PHE B 98 26.19 -3.18 -20.20
N HIS B 99 25.17 -3.56 -19.44
CA HIS B 99 23.89 -3.91 -20.06
C HIS B 99 22.80 -2.87 -19.84
N TYR B 100 21.95 -2.73 -20.84
CA TYR B 100 20.86 -1.79 -20.78
C TYR B 100 19.79 -2.38 -19.87
N LEU B 101 19.46 -3.65 -20.10
CA LEU B 101 18.43 -4.34 -19.33
C LEU B 101 18.95 -5.20 -18.19
N TYR B 102 18.21 -5.17 -17.09
CA TYR B 102 18.54 -5.96 -15.90
C TYR B 102 17.29 -6.32 -15.12
N ARG B 103 17.37 -7.46 -14.43
CA ARG B 103 16.29 -7.93 -13.57
C ARG B 103 16.89 -8.93 -12.60
N SER B 104 16.39 -8.91 -11.36
CA SER B 104 16.86 -9.85 -10.36
C SER B 104 15.97 -9.73 -9.13
N GLY B 105 16.17 -10.65 -8.20
CA GLY B 105 15.42 -10.62 -6.95
C GLY B 105 16.50 -10.27 -5.95
N PHE B 106 16.18 -10.28 -4.66
CA PHE B 106 17.17 -9.97 -3.63
C PHE B 106 16.90 -10.68 -2.32
N CYS B 107 17.97 -10.97 -1.59
CA CYS B 107 17.86 -11.56 -0.27
C CYS B 107 18.52 -10.51 0.60
N ILE B 108 17.74 -9.88 1.44
CA ILE B 108 18.26 -8.83 2.30
C ILE B 108 18.40 -9.31 3.73
N HIS B 109 19.52 -8.99 4.36
CA HIS B 109 19.79 -9.41 5.71
C HIS B 109 20.36 -8.25 6.54
N VAL B 110 19.50 -7.59 7.31
CA VAL B 110 19.92 -6.47 8.16
C VAL B 110 20.39 -7.02 9.50
N GLN B 111 21.59 -6.62 9.93
CA GLN B 111 22.15 -7.12 11.18
C GLN B 111 22.29 -6.06 12.24
N CYS B 112 21.95 -6.41 13.47
CA CYS B 112 22.07 -5.49 14.60
C CYS B 112 21.92 -6.25 15.91
N ASN B 113 23.02 -6.44 16.62
CA ASN B 113 22.98 -7.16 17.88
C ASN B 113 23.33 -6.20 19.01
N ALA B 114 22.94 -6.54 20.23
CA ALA B 114 23.21 -5.70 21.38
C ALA B 114 23.46 -6.60 22.58
N SER B 115 22.84 -6.32 23.72
CA SER B 115 23.04 -7.19 24.89
C SER B 115 21.68 -7.43 25.50
N LYS B 116 21.59 -8.33 26.47
CA LYS B 116 20.31 -8.59 27.07
C LYS B 116 19.87 -7.44 27.97
N PHE B 117 20.67 -6.36 28.02
CA PHE B 117 20.32 -5.20 28.84
C PHE B 117 20.00 -3.95 28.02
N HIS B 118 20.06 -4.08 26.70
CA HIS B 118 19.72 -2.99 25.78
C HIS B 118 18.28 -3.23 25.34
N GLN B 119 17.63 -2.22 24.80
CA GLN B 119 16.26 -2.38 24.34
C GLN B 119 16.05 -1.47 23.15
N GLY B 120 15.04 -1.77 22.34
CA GLY B 120 14.78 -0.95 21.17
C GLY B 120 14.26 -1.81 20.04
N ALA B 121 13.52 -1.21 19.12
CA ALA B 121 12.97 -1.95 18.00
C ALA B 121 13.03 -1.20 16.68
N LEU B 122 13.59 -1.87 15.68
CA LEU B 122 13.72 -1.33 14.33
C LEU B 122 12.70 -2.01 13.45
N LEU B 123 12.09 -1.25 12.55
CA LEU B 123 11.15 -1.81 11.61
C LEU B 123 11.95 -1.89 10.31
N VAL B 124 12.11 -3.09 9.75
CA VAL B 124 12.86 -3.25 8.50
C VAL B 124 11.85 -3.62 7.42
N ALA B 125 11.66 -2.75 6.45
CA ALA B 125 10.67 -3.00 5.40
C ALA B 125 11.15 -2.73 3.99
N VAL B 126 10.42 -3.27 3.05
CA VAL B 126 10.71 -3.09 1.64
C VAL B 126 9.50 -2.42 0.98
N LEU B 127 9.75 -1.27 0.35
CA LEU B 127 8.68 -0.50 -0.27
C LEU B 127 8.92 -0.31 -1.75
N PRO B 128 8.19 -1.05 -2.61
CA PRO B 128 8.33 -0.94 -4.07
C PRO B 128 8.03 0.47 -4.56
N GLU B 129 8.74 0.87 -5.63
CA GLU B 129 8.56 2.21 -6.20
C GLU B 129 8.46 3.25 -5.08
N TYR B 130 9.55 3.39 -4.32
CA TYR B 130 9.58 4.34 -3.21
C TYR B 130 9.94 5.75 -3.67
N VAL B 131 8.95 6.48 -4.17
CA VAL B 131 9.18 7.84 -4.63
C VAL B 131 9.30 8.82 -3.46
N ILE B 132 10.32 9.67 -3.51
CA ILE B 132 10.59 10.66 -2.48
C ILE B 132 9.98 12.02 -2.80
N GLY B 133 9.48 12.69 -1.77
CA GLY B 133 8.90 14.00 -1.96
C GLY B 133 9.69 15.02 -1.16
N THR B 134 9.45 16.30 -1.38
CA THR B 134 10.16 17.36 -0.65
C THR B 134 9.14 18.06 0.24
N VAL B 135 9.61 18.89 1.17
CA VAL B 135 8.69 19.60 2.04
C VAL B 135 8.06 20.82 1.35
N ALA B 136 8.27 20.92 0.04
CA ALA B 136 7.70 22.00 -0.76
C ALA B 136 7.87 23.41 -0.18
N GLY B 137 9.10 23.77 0.17
CA GLY B 137 9.36 25.10 0.73
C GLY B 137 8.74 25.36 2.10
N GLY B 138 8.30 24.30 2.78
CA GLY B 138 7.70 24.47 4.10
C GLY B 138 6.24 24.87 4.06
N THR B 139 5.91 25.84 3.23
CA THR B 139 4.54 26.34 3.11
C THR B 139 3.72 25.55 2.08
N GLY B 140 4.42 24.83 1.20
CA GLY B 140 3.74 24.04 0.17
C GLY B 140 3.46 24.85 -1.07
N THR B 141 4.10 26.00 -1.18
CA THR B 141 3.90 26.88 -2.33
C THR B 141 5.05 26.75 -3.33
N GLU B 142 6.12 26.09 -2.91
CA GLU B 142 7.29 25.90 -3.77
C GLU B 142 7.28 24.47 -4.30
N ASP B 143 7.34 24.33 -5.63
CA ASP B 143 7.31 23.00 -6.23
C ASP B 143 8.73 22.43 -6.35
N THR B 144 9.38 22.21 -5.20
CA THR B 144 10.73 21.66 -5.17
C THR B 144 10.76 20.16 -5.47
N HIS B 145 11.92 19.67 -5.86
CA HIS B 145 12.08 18.26 -6.17
C HIS B 145 13.36 17.77 -5.53
N PRO B 146 13.39 16.51 -5.09
CA PRO B 146 14.58 15.97 -4.47
C PRO B 146 15.71 15.76 -5.49
N PRO B 147 16.95 16.13 -5.11
CA PRO B 147 18.12 16.00 -5.98
C PRO B 147 18.57 14.54 -6.19
N TYR B 148 19.33 14.29 -7.26
CA TYR B 148 19.80 12.94 -7.55
C TYR B 148 20.36 12.27 -6.30
N LYS B 149 21.20 12.99 -5.55
CA LYS B 149 21.82 12.45 -4.33
C LYS B 149 20.82 11.90 -3.33
N GLN B 150 19.58 12.38 -3.38
CA GLN B 150 18.55 11.94 -2.43
C GLN B 150 17.66 10.80 -2.96
N THR B 151 17.38 10.80 -4.26
CA THR B 151 16.54 9.77 -4.84
C THR B 151 17.33 8.47 -5.02
N GLN B 152 18.62 8.61 -5.32
CA GLN B 152 19.51 7.46 -5.49
C GLN B 152 20.80 7.70 -4.68
N PRO B 153 20.70 7.62 -3.35
CA PRO B 153 21.77 7.82 -2.37
C PRO B 153 22.97 6.89 -2.44
N GLY B 154 22.92 5.88 -3.31
CA GLY B 154 24.02 4.96 -3.42
C GLY B 154 24.12 4.07 -2.18
N ALA B 155 25.29 3.49 -1.96
CA ALA B 155 25.51 2.59 -0.82
C ALA B 155 25.40 3.24 0.55
N ASP B 156 25.69 4.54 0.63
CA ASP B 156 25.62 5.21 1.92
C ASP B 156 24.22 5.40 2.46
N GLY B 157 23.22 5.15 1.62
CA GLY B 157 21.87 5.35 2.09
C GLY B 157 21.65 6.83 2.36
N PHE B 158 20.51 7.15 2.96
CA PHE B 158 20.16 8.54 3.26
C PHE B 158 19.30 8.54 4.51
N GLU B 159 19.48 9.53 5.37
CA GLU B 159 18.69 9.60 6.60
C GLU B 159 17.34 10.25 6.32
N LEU B 160 16.30 9.70 6.91
CA LEU B 160 14.95 10.23 6.72
C LEU B 160 14.82 11.56 7.44
N GLN B 161 14.13 12.52 6.80
CA GLN B 161 13.92 13.83 7.41
C GLN B 161 12.70 13.79 8.33
N HIS B 162 11.59 13.25 7.82
CA HIS B 162 10.36 13.14 8.59
C HIS B 162 9.82 11.72 8.51
N PRO B 163 10.33 10.85 9.39
CA PRO B 163 9.93 9.44 9.46
C PRO B 163 8.43 9.21 9.48
N TYR B 164 7.70 9.97 10.31
CA TYR B 164 6.26 9.79 10.43
C TYR B 164 5.55 9.71 9.07
N VAL B 165 6.05 10.45 8.08
CA VAL B 165 5.44 10.44 6.74
C VAL B 165 6.37 9.85 5.67
N LEU B 166 7.40 9.15 6.12
CA LEU B 166 8.38 8.53 5.22
C LEU B 166 8.85 9.47 4.11
N ASP B 167 8.98 10.75 4.44
CA ASP B 167 9.43 11.75 3.47
C ASP B 167 8.67 11.67 2.14
N ALA B 168 7.42 11.19 2.19
CA ALA B 168 6.62 11.07 0.98
C ALA B 168 5.12 11.24 1.19
N GLY B 169 4.74 11.86 2.30
CA GLY B 169 3.34 12.10 2.59
C GLY B 169 2.50 10.88 2.91
N ILE B 170 3.15 9.82 3.37
CA ILE B 170 2.43 8.60 3.71
C ILE B 170 2.83 8.13 5.11
N PRO B 171 1.86 7.63 5.89
CA PRO B 171 2.07 7.15 7.26
C PRO B 171 2.92 5.91 7.41
N ILE B 172 3.99 6.02 8.19
CA ILE B 172 4.87 4.89 8.43
C ILE B 172 4.11 3.85 9.25
N SER B 173 3.02 4.27 9.89
CA SER B 173 2.24 3.35 10.71
C SER B 173 1.64 2.24 9.85
N GLN B 174 1.51 2.50 8.55
CA GLN B 174 0.95 1.53 7.63
C GLN B 174 1.99 0.83 6.79
N LEU B 175 3.25 1.09 7.07
CA LEU B 175 4.32 0.48 6.30
C LEU B 175 4.35 -1.03 6.45
N THR B 176 3.72 -1.56 7.50
CA THR B 176 3.72 -3.01 7.69
C THR B 176 2.89 -3.77 6.64
N VAL B 177 2.22 -3.02 5.76
CA VAL B 177 1.44 -3.64 4.69
C VAL B 177 2.44 -4.09 3.60
N CYS B 178 3.72 -3.83 3.85
CA CYS B 178 4.78 -4.23 2.93
C CYS B 178 5.61 -5.34 3.57
N PRO B 179 6.30 -6.15 2.76
CA PRO B 179 7.13 -7.23 3.31
C PRO B 179 8.03 -6.61 4.38
N HIS B 180 8.05 -7.19 5.57
CA HIS B 180 8.86 -6.61 6.62
C HIS B 180 9.11 -7.57 7.77
N GLN B 181 10.00 -7.13 8.66
CA GLN B 181 10.34 -7.85 9.89
C GLN B 181 10.73 -6.77 10.89
N TRP B 182 10.88 -7.15 12.15
CA TRP B 182 11.30 -6.21 13.17
C TRP B 182 12.56 -6.74 13.83
N ILE B 183 13.43 -5.84 14.26
CA ILE B 183 14.59 -6.27 15.00
C ILE B 183 14.34 -5.71 16.39
N ASN B 184 13.78 -6.56 17.26
CA ASN B 184 13.47 -6.18 18.63
C ASN B 184 14.64 -6.77 19.42
N LEU B 185 15.53 -5.91 19.91
CA LEU B 185 16.72 -6.38 20.60
C LEU B 185 16.53 -7.48 21.64
N ARG B 186 15.39 -7.54 22.33
CA ARG B 186 15.21 -8.59 23.33
C ARG B 186 14.83 -9.92 22.71
N THR B 187 14.65 -9.92 21.38
CA THR B 187 14.21 -11.11 20.65
C THR B 187 15.09 -11.63 19.52
N ASN B 188 15.50 -10.75 18.62
CA ASN B 188 16.34 -11.16 17.48
C ASN B 188 17.37 -10.10 17.15
N ASN B 189 18.41 -10.49 16.42
CA ASN B 189 19.46 -9.54 16.04
C ASN B 189 19.59 -9.40 14.53
N CYS B 190 18.53 -9.70 13.80
CA CYS B 190 18.58 -9.59 12.34
C CYS B 190 17.23 -9.80 11.70
N ALA B 191 17.09 -9.29 10.48
CA ALA B 191 15.87 -9.45 9.70
C ALA B 191 16.29 -9.99 8.34
N THR B 192 15.51 -10.91 7.79
CA THR B 192 15.85 -11.47 6.49
C THR B 192 14.60 -11.42 5.63
N ILE B 193 14.73 -10.82 4.45
CA ILE B 193 13.61 -10.67 3.54
C ILE B 193 14.02 -11.04 2.13
N ILE B 194 13.33 -12.02 1.54
CA ILE B 194 13.60 -12.42 0.17
C ILE B 194 12.60 -11.62 -0.68
N VAL B 195 13.07 -11.01 -1.76
CA VAL B 195 12.20 -10.21 -2.60
C VAL B 195 12.31 -10.60 -4.06
N PRO B 196 11.16 -10.80 -4.72
CA PRO B 196 11.18 -11.17 -6.14
C PRO B 196 11.25 -9.89 -6.96
N TYR B 197 11.49 -10.03 -8.26
CA TYR B 197 11.55 -8.86 -9.13
C TYR B 197 10.16 -8.25 -9.15
N ILE B 198 10.06 -6.95 -8.88
CA ILE B 198 8.77 -6.27 -8.88
C ILE B 198 8.78 -5.09 -9.84
N ASN B 199 7.97 -5.18 -10.88
CA ASN B 199 7.91 -4.12 -11.89
C ASN B 199 6.80 -4.47 -12.86
N ALA B 200 6.38 -3.50 -13.68
CA ALA B 200 5.32 -3.73 -14.66
C ALA B 200 5.91 -4.12 -16.02
N LEU B 201 7.24 -4.33 -16.04
CA LEU B 201 7.95 -4.71 -17.27
C LEU B 201 8.82 -5.91 -16.93
N PRO B 202 9.11 -6.77 -17.91
CA PRO B 202 9.94 -7.95 -17.65
C PRO B 202 11.40 -7.65 -17.27
N PHE B 203 11.99 -6.61 -17.85
CA PHE B 203 13.36 -6.20 -17.52
C PHE B 203 13.29 -4.68 -17.47
N ASP B 204 14.36 -4.03 -17.00
CA ASP B 204 14.37 -2.57 -16.94
C ASP B 204 15.80 -2.09 -16.68
N SER B 205 16.02 -0.77 -16.64
CA SER B 205 17.35 -0.23 -16.40
C SER B 205 17.72 -0.23 -14.93
N ALA B 206 18.88 -0.80 -14.61
CA ALA B 206 19.32 -0.82 -13.22
C ALA B 206 19.74 0.59 -12.82
N LEU B 207 19.98 1.43 -13.82
CA LEU B 207 20.43 2.78 -13.57
C LEU B 207 19.33 3.82 -13.39
N ASN B 208 18.39 3.87 -14.33
CA ASN B 208 17.33 4.86 -14.22
C ASN B 208 16.17 4.52 -13.33
N HIS B 209 16.02 3.25 -12.98
CA HIS B 209 14.87 2.84 -12.17
C HIS B 209 15.22 2.01 -10.95
N CYS B 210 14.75 2.45 -9.79
CA CYS B 210 14.97 1.74 -8.53
C CYS B 210 13.65 1.02 -8.23
N ASN B 211 13.67 -0.30 -8.35
CA ASN B 211 12.48 -1.09 -8.14
C ASN B 211 11.86 -0.95 -6.76
N PHE B 212 12.68 -0.81 -5.73
CA PHE B 212 12.11 -0.68 -4.40
C PHE B 212 13.12 -0.08 -3.44
N GLY B 213 12.64 0.31 -2.27
CA GLY B 213 13.51 0.87 -1.28
C GLY B 213 13.52 0.05 -0.01
N LEU B 214 14.65 0.08 0.70
CA LEU B 214 14.76 -0.63 1.95
C LEU B 214 14.72 0.42 3.04
N LEU B 215 13.83 0.24 4.01
CA LEU B 215 13.73 1.20 5.09
C LEU B 215 14.05 0.52 6.42
N VAL B 216 14.88 1.17 7.22
CA VAL B 216 15.25 0.67 8.54
C VAL B 216 14.97 1.85 9.46
N VAL B 217 13.89 1.77 10.20
CA VAL B 217 13.47 2.87 11.08
C VAL B 217 13.20 2.42 12.51
N PRO B 218 13.79 3.14 13.48
CA PRO B 218 13.58 2.80 14.89
C PRO B 218 12.19 3.29 15.28
N ILE B 219 11.32 2.38 15.70
CA ILE B 219 9.98 2.77 16.11
C ILE B 219 9.98 2.89 17.63
N SER B 220 10.77 2.05 18.27
CA SER B 220 10.93 2.06 19.72
C SER B 220 12.42 2.40 19.89
N PRO B 221 12.73 3.62 20.36
CA PRO B 221 14.09 4.13 20.56
C PRO B 221 15.03 3.26 21.36
N LEU B 222 16.28 3.26 20.93
CA LEU B 222 17.36 2.52 21.57
C LEU B 222 17.57 3.10 22.96
N ASP B 223 17.89 2.25 23.93
CA ASP B 223 18.13 2.74 25.28
C ASP B 223 19.00 1.74 26.04
N TYR B 224 19.70 2.21 27.05
CA TYR B 224 20.58 1.37 27.88
C TYR B 224 21.10 2.23 29.02
N ASP B 225 21.79 1.61 29.96
CA ASP B 225 22.33 2.36 31.11
C ASP B 225 23.81 2.74 30.92
N GLN B 226 24.19 3.90 31.48
CA GLN B 226 25.57 4.39 31.42
C GLN B 226 26.50 3.22 31.72
N GLY B 227 27.42 2.91 30.81
CA GLY B 227 28.33 1.81 31.07
C GLY B 227 28.19 0.58 30.18
N ALA B 228 27.08 0.50 29.45
CA ALA B 228 26.86 -0.61 28.53
C ALA B 228 27.43 -0.10 27.22
N THR B 229 27.91 -1.00 26.35
CA THR B 229 28.48 -0.55 25.08
C THR B 229 27.48 0.38 24.41
N PRO B 230 27.88 1.60 24.11
CA PRO B 230 26.99 2.58 23.47
C PRO B 230 26.98 2.58 21.95
N VAL B 231 27.99 1.94 21.36
CA VAL B 231 28.09 1.87 19.90
C VAL B 231 27.35 0.63 19.39
N ILE B 232 26.15 0.84 18.85
CA ILE B 232 25.34 -0.25 18.34
C ILE B 232 25.18 -0.11 16.82
N PRO B 233 25.99 -0.83 16.04
CA PRO B 233 25.87 -0.71 14.58
C PRO B 233 24.72 -1.50 13.98
N ILE B 234 24.34 -1.11 12.76
CA ILE B 234 23.29 -1.77 12.00
C ILE B 234 24.01 -2.00 10.67
N THR B 235 24.21 -3.24 10.29
CA THR B 235 24.90 -3.49 9.03
C THR B 235 23.95 -4.09 8.00
N ILE B 236 24.11 -3.64 6.76
CA ILE B 236 23.27 -4.07 5.66
C ILE B 236 24.00 -5.01 4.71
N THR B 237 23.50 -6.23 4.58
CA THR B 237 24.09 -7.20 3.65
C THR B 237 22.96 -7.61 2.72
N LEU B 238 23.27 -7.82 1.45
CA LEU B 238 22.24 -8.21 0.50
C LEU B 238 22.81 -9.01 -0.65
N ALA B 239 21.97 -9.86 -1.26
CA ALA B 239 22.42 -10.67 -2.38
C ALA B 239 21.41 -10.72 -3.51
N PRO B 240 21.85 -10.42 -4.74
CA PRO B 240 20.91 -10.47 -5.87
C PRO B 240 20.56 -11.95 -6.06
N MET B 241 19.40 -12.22 -6.66
CA MET B 241 19.00 -13.60 -6.91
C MET B 241 18.45 -13.73 -8.33
N CYS B 242 18.89 -14.74 -9.07
CA CYS B 242 18.42 -14.96 -10.43
C CYS B 242 18.67 -13.75 -11.31
N SER B 243 19.86 -13.17 -11.20
CA SER B 243 20.20 -12.00 -12.00
C SER B 243 20.25 -12.34 -13.48
N GLU B 244 19.64 -11.47 -14.29
CA GLU B 244 19.62 -11.63 -15.74
C GLU B 244 19.94 -10.27 -16.34
N PHE B 245 20.74 -10.23 -17.40
CA PHE B 245 21.09 -8.98 -18.07
C PHE B 245 20.98 -9.16 -19.58
N ALA B 246 20.67 -8.07 -20.29
CA ALA B 246 20.55 -8.12 -21.74
C ALA B 246 20.80 -6.73 -22.34
N GLY B 247 20.97 -6.67 -23.66
CA GLY B 247 21.24 -5.40 -24.32
C GLY B 247 22.63 -4.88 -24.02
N LEU B 248 23.64 -5.68 -24.36
CA LEU B 248 25.05 -5.35 -24.13
C LEU B 248 25.51 -4.16 -24.96
N ARG B 249 26.50 -3.43 -24.46
CA ARG B 249 27.07 -2.24 -25.13
C ARG B 249 28.23 -1.77 -24.25
N GLN B 250 28.68 -0.54 -24.40
CA GLN B 250 29.77 -0.08 -23.54
C GLN B 250 29.23 0.17 -22.14
N ALA B 251 30.12 0.28 -21.17
CA ALA B 251 29.73 0.54 -19.78
C ALA B 251 29.26 1.98 -19.60
N VAL B 252 28.19 2.15 -18.84
CA VAL B 252 27.60 3.47 -18.56
C VAL B 252 27.30 3.55 -17.07
N THR B 253 27.70 4.64 -16.41
CA THR B 253 27.45 4.77 -14.96
C THR B 253 26.13 5.44 -14.61
N GLN B 254 25.53 6.15 -15.57
CA GLN B 254 24.23 6.77 -15.33
C GLN B 254 23.57 7.36 -16.57
N GLY C 1 -40.38 2.13 -37.29
CA GLY C 1 -39.49 1.29 -36.45
C GLY C 1 -40.24 0.51 -35.38
N PHE C 2 -39.50 -0.18 -34.52
CA PHE C 2 -40.10 -0.97 -33.45
C PHE C 2 -40.71 -0.07 -32.36
N PRO C 3 -41.99 -0.30 -31.99
CA PRO C 3 -42.63 0.52 -30.96
C PRO C 3 -41.99 0.49 -29.56
N THR C 4 -41.42 1.61 -29.15
CA THR C 4 -40.82 1.73 -27.83
C THR C 4 -41.43 2.94 -27.10
N GLU C 5 -41.20 3.04 -25.80
CA GLU C 5 -41.75 4.12 -24.98
C GLU C 5 -40.78 4.43 -23.84
N LEU C 6 -40.30 5.67 -23.78
CA LEU C 6 -39.33 6.09 -22.76
C LEU C 6 -39.86 6.20 -21.33
N LYS C 7 -39.10 5.65 -20.39
CA LYS C 7 -39.50 5.68 -18.97
C LYS C 7 -38.64 6.65 -18.16
N PRO C 8 -39.07 6.98 -16.94
CA PRO C 8 -38.29 7.91 -16.10
C PRO C 8 -36.88 7.35 -15.91
N GLY C 9 -35.91 8.24 -15.75
CA GLY C 9 -34.53 7.82 -15.60
C GLY C 9 -33.82 8.14 -16.91
N THR C 10 -34.58 8.17 -18.00
CA THR C 10 -34.06 8.49 -19.33
C THR C 10 -33.12 9.71 -19.27
N ASN C 11 -31.98 9.60 -19.95
CA ASN C 11 -30.95 10.64 -20.03
C ASN C 11 -30.12 10.91 -18.78
N GLN C 12 -30.50 10.34 -17.64
CA GLN C 12 -29.74 10.57 -16.42
C GLN C 12 -28.39 9.88 -16.44
N PHE C 13 -27.45 10.46 -15.72
CA PHE C 13 -26.11 9.93 -15.59
C PHE C 13 -25.90 9.57 -14.13
N LEU C 14 -26.02 8.27 -13.83
CA LEU C 14 -25.81 7.77 -12.48
C LEU C 14 -24.36 7.31 -12.46
N THR C 15 -23.58 7.85 -11.53
CA THR C 15 -22.16 7.53 -11.48
C THR C 15 -21.82 6.08 -11.19
N THR C 16 -22.77 5.34 -10.61
CA THR C 16 -22.55 3.95 -10.28
C THR C 16 -23.26 3.00 -11.24
N ASP C 17 -23.93 3.57 -12.23
CA ASP C 17 -24.63 2.74 -13.22
C ASP C 17 -23.56 1.94 -13.95
N ASP C 18 -23.74 0.62 -14.04
CA ASP C 18 -22.78 -0.27 -14.71
C ASP C 18 -23.30 -0.63 -16.10
N GLY C 19 -23.12 0.28 -17.06
CA GLY C 19 -23.60 0.04 -18.40
C GLY C 19 -22.53 -0.19 -19.45
N VAL C 20 -22.96 -0.14 -20.72
CA VAL C 20 -22.08 -0.35 -21.86
C VAL C 20 -21.91 0.96 -22.62
N SER C 21 -20.66 1.28 -22.99
CA SER C 21 -20.37 2.50 -23.72
C SER C 21 -19.55 2.18 -24.97
N ALA C 22 -19.82 2.90 -26.07
CA ALA C 22 -19.11 2.68 -27.33
C ALA C 22 -17.59 2.79 -27.18
N PRO C 23 -16.85 1.81 -27.73
CA PRO C 23 -15.38 1.79 -27.67
C PRO C 23 -14.76 2.77 -28.66
N ILE C 24 -13.78 3.54 -28.19
CA ILE C 24 -13.17 4.54 -29.06
C ILE C 24 -12.10 4.00 -30.02
N LEU C 25 -11.50 2.88 -29.67
CA LEU C 25 -10.46 2.33 -30.53
C LEU C 25 -10.82 0.93 -30.97
N PRO C 26 -11.51 0.81 -32.12
CA PRO C 26 -11.89 -0.52 -32.59
C PRO C 26 -10.67 -1.37 -32.86
N ASN C 27 -10.80 -2.65 -32.55
CA ASN C 27 -9.74 -3.65 -32.74
C ASN C 27 -8.42 -3.36 -32.05
N PHE C 28 -8.44 -2.51 -31.04
CA PHE C 28 -7.20 -2.24 -30.32
C PHE C 28 -7.00 -3.40 -29.36
N HIS C 29 -5.78 -3.91 -29.26
CA HIS C 29 -5.48 -5.00 -28.33
C HIS C 29 -4.41 -4.46 -27.36
N PRO C 30 -4.69 -4.50 -26.05
CA PRO C 30 -3.78 -4.01 -25.02
C PRO C 30 -2.53 -4.84 -24.83
N THR C 31 -1.49 -4.19 -24.31
CA THR C 31 -0.25 -4.88 -24.03
C THR C 31 -0.53 -6.11 -23.14
N PRO C 32 0.13 -7.23 -23.43
CA PRO C 32 -0.06 -8.46 -22.65
C PRO C 32 0.25 -8.19 -21.18
N CYS C 33 -0.47 -8.84 -20.28
CA CYS C 33 -0.21 -8.63 -18.88
C CYS C 33 0.79 -9.67 -18.39
N ILE C 34 1.99 -9.26 -18.02
CA ILE C 34 3.00 -10.20 -17.52
C ILE C 34 2.72 -10.51 -16.05
N HIS C 35 3.51 -11.39 -15.45
CA HIS C 35 3.29 -11.70 -14.04
C HIS C 35 3.85 -10.60 -13.13
N ILE C 36 3.06 -10.20 -12.14
CA ILE C 36 3.51 -9.20 -11.19
C ILE C 36 3.19 -9.70 -9.80
N PRO C 37 4.19 -9.72 -8.91
CA PRO C 37 3.95 -10.19 -7.55
C PRO C 37 2.94 -9.33 -6.82
N GLY C 38 2.35 -9.90 -5.77
CA GLY C 38 1.43 -9.16 -4.94
C GLY C 38 0.13 -8.63 -5.51
N GLU C 39 -0.59 -9.43 -6.27
CA GLU C 39 -1.85 -8.93 -6.78
C GLU C 39 -2.88 -9.02 -5.66
N VAL C 40 -3.72 -8.01 -5.51
CA VAL C 40 -4.75 -8.09 -4.48
C VAL C 40 -6.10 -8.22 -5.20
N ARG C 41 -6.97 -9.07 -4.67
CA ARG C 41 -8.27 -9.31 -5.28
C ARG C 41 -9.45 -8.68 -4.55
N ASN C 42 -9.31 -8.53 -3.22
CA ASN C 42 -10.40 -7.98 -2.40
C ASN C 42 -9.86 -7.15 -1.23
N LEU C 43 -10.43 -5.97 -0.98
CA LEU C 43 -9.95 -5.13 0.12
C LEU C 43 -9.86 -5.84 1.46
N LEU C 44 -10.68 -6.86 1.66
CA LEU C 44 -10.64 -7.61 2.91
C LEU C 44 -9.26 -8.23 3.15
N GLU C 45 -8.53 -8.53 2.09
CA GLU C 45 -7.18 -9.09 2.21
C GLU C 45 -6.29 -8.11 2.99
N LEU C 46 -6.45 -6.83 2.70
CA LEU C 46 -5.68 -5.79 3.36
C LEU C 46 -6.10 -5.55 4.81
N CYS C 47 -7.37 -5.81 5.11
CA CYS C 47 -7.90 -5.60 6.47
C CYS C 47 -7.37 -6.62 7.47
N GLN C 48 -6.72 -7.67 6.98
CA GLN C 48 -6.19 -8.68 7.87
C GLN C 48 -4.69 -8.50 8.12
N VAL C 49 -4.13 -7.46 7.52
CA VAL C 49 -2.71 -7.17 7.72
C VAL C 49 -2.61 -6.18 8.86
N GLU C 50 -1.78 -6.48 9.86
CA GLU C 50 -1.66 -5.60 11.01
C GLU C 50 -0.83 -4.36 10.68
N THR C 51 -1.29 -3.20 11.18
CA THR C 51 -0.57 -1.95 11.00
C THR C 51 -0.55 -1.31 12.39
N ILE C 52 0.38 -0.38 12.62
CA ILE C 52 0.52 0.23 13.94
C ILE C 52 -0.62 1.11 14.38
N LEU C 53 -1.13 0.84 15.57
CA LEU C 53 -2.25 1.57 16.17
C LEU C 53 -1.70 2.66 17.08
N GLU C 54 -2.06 3.91 16.82
CA GLU C 54 -1.55 4.99 17.66
C GLU C 54 -2.32 5.15 18.97
N VAL C 55 -2.06 4.24 19.91
CA VAL C 55 -2.72 4.30 21.21
C VAL C 55 -2.33 5.61 21.88
N ASN C 56 -1.08 6.01 21.68
CA ASN C 56 -0.56 7.23 22.28
C ASN C 56 -0.70 8.39 21.31
N ASN C 57 -1.94 8.71 20.96
CA ASN C 57 -2.18 9.81 20.06
C ASN C 57 -2.34 11.11 20.83
N VAL C 58 -1.30 11.52 21.55
CA VAL C 58 -1.41 12.78 22.28
C VAL C 58 -0.44 13.86 21.77
N PRO C 59 0.87 13.55 21.65
CA PRO C 59 1.74 14.63 21.14
C PRO C 59 1.37 15.03 19.71
N THR C 60 1.57 16.30 19.37
CA THR C 60 1.22 16.78 18.02
C THR C 60 2.26 17.62 17.28
N ASN C 61 3.26 18.15 17.97
CA ASN C 61 4.28 18.94 17.27
C ASN C 61 5.10 18.01 16.38
N ALA C 62 5.41 18.46 15.17
CA ALA C 62 6.15 17.67 14.19
C ALA C 62 7.31 16.82 14.69
N THR C 63 8.17 17.39 15.53
CA THR C 63 9.31 16.62 16.03
C THR C 63 8.94 15.45 16.94
N SER C 64 7.73 15.43 17.49
CA SER C 64 7.34 14.35 18.38
C SER C 64 6.30 13.39 17.82
N LEU C 65 6.04 13.46 16.52
CA LEU C 65 5.03 12.59 15.92
C LEU C 65 5.35 11.10 16.04
N MET C 66 6.61 10.73 15.84
CA MET C 66 6.98 9.31 15.94
C MET C 66 6.66 8.71 17.31
N GLU C 67 6.48 9.57 18.31
CA GLU C 67 6.16 9.09 19.66
C GLU C 67 4.76 8.52 19.74
N ARG C 68 3.88 8.98 18.87
CA ARG C 68 2.50 8.49 18.86
C ARG C 68 2.47 6.99 18.59
N LEU C 69 3.51 6.49 17.93
CA LEU C 69 3.60 5.08 17.56
C LEU C 69 3.84 4.08 18.68
N ARG C 70 3.92 4.54 19.92
CA ARG C 70 4.14 3.61 21.04
C ARG C 70 3.92 4.21 22.42
N PHE C 71 3.43 3.40 23.34
CA PHE C 71 3.22 3.87 24.70
C PHE C 71 4.16 3.18 25.67
N PRO C 72 4.42 3.80 26.81
CA PRO C 72 5.34 3.23 27.81
C PRO C 72 4.74 2.44 28.97
N VAL C 73 5.65 1.73 29.63
CA VAL C 73 5.36 0.96 30.84
C VAL C 73 6.65 1.12 31.65
N SER C 74 6.53 1.10 32.97
CA SER C 74 7.69 1.25 33.86
C SER C 74 7.33 0.75 35.25
N ALA C 75 8.34 0.60 36.10
CA ALA C 75 8.11 0.13 37.47
C ALA C 75 7.09 1.01 38.20
N GLN C 76 6.07 0.36 38.77
CA GLN C 76 5.02 1.05 39.50
C GLN C 76 5.09 0.79 40.99
N ALA C 77 3.99 1.08 41.68
CA ALA C 77 3.89 0.87 43.12
C ALA C 77 2.95 -0.29 43.48
N GLY C 78 2.74 -1.20 42.54
CA GLY C 78 1.91 -2.38 42.78
C GLY C 78 0.46 -2.19 43.20
N LYS C 79 -0.18 -1.14 42.71
CA LYS C 79 -1.56 -0.95 43.08
C LYS C 79 -2.44 -1.23 41.86
N GLY C 80 -1.98 -2.13 40.97
CA GLY C 80 -2.75 -2.46 39.78
C GLY C 80 -3.17 -1.18 39.05
N GLU C 81 -2.20 -0.28 38.87
CA GLU C 81 -2.44 0.99 38.22
C GLU C 81 -2.86 0.90 36.74
N LEU C 82 -3.52 1.94 36.24
CA LEU C 82 -3.97 1.98 34.85
C LEU C 82 -2.83 2.35 33.90
N CYS C 83 -2.69 1.63 32.79
CA CYS C 83 -1.62 1.93 31.84
C CYS C 83 -2.07 2.79 30.66
N ALA C 84 -3.19 2.41 30.04
CA ALA C 84 -3.72 3.17 28.90
C ALA C 84 -5.13 2.70 28.59
N VAL C 85 -5.87 3.50 27.83
CA VAL C 85 -7.23 3.14 27.44
C VAL C 85 -7.50 3.72 26.04
N PHE C 86 -8.44 3.11 25.32
CA PHE C 86 -8.82 3.60 24.00
C PHE C 86 -10.11 2.92 23.55
N ARG C 87 -10.90 3.61 22.73
CA ARG C 87 -12.14 3.04 22.23
C ARG C 87 -11.83 1.97 21.20
N ALA C 88 -12.65 0.93 21.14
CA ALA C 88 -12.40 -0.13 20.18
C ALA C 88 -13.03 0.20 18.82
N ASP C 89 -13.88 1.21 18.78
CA ASP C 89 -14.55 1.63 17.54
C ASP C 89 -13.51 1.88 16.45
N PRO C 90 -13.40 0.95 15.48
CA PRO C 90 -12.45 1.05 14.38
C PRO C 90 -12.71 2.13 13.35
N GLY C 91 -13.97 2.51 13.15
CA GLY C 91 -14.25 3.53 12.17
C GLY C 91 -14.49 4.90 12.78
N ARG C 92 -13.97 5.10 13.99
CA ARG C 92 -14.15 6.36 14.73
C ARG C 92 -12.84 7.13 14.85
N ASN C 93 -12.94 8.45 15.06
CA ASN C 93 -11.74 9.27 15.21
C ASN C 93 -10.99 8.76 16.42
N GLY C 94 -9.67 8.76 16.33
CA GLY C 94 -8.89 8.28 17.43
C GLY C 94 -7.76 7.42 16.93
N PRO C 95 -7.21 6.56 17.81
CA PRO C 95 -6.11 5.66 17.50
C PRO C 95 -6.25 4.85 16.21
N TRP C 96 -7.40 4.21 16.00
CA TRP C 96 -7.60 3.39 14.81
C TRP C 96 -7.39 4.11 13.50
N GLN C 97 -7.40 5.44 13.53
CA GLN C 97 -7.19 6.21 12.32
C GLN C 97 -5.81 6.03 11.71
N SER C 98 -4.84 5.55 12.51
CA SER C 98 -3.49 5.34 11.99
C SER C 98 -3.33 3.99 11.26
N THR C 99 -4.30 3.10 11.46
CA THR C 99 -4.26 1.78 10.85
C THR C 99 -4.88 1.74 9.47
N LEU C 100 -4.38 0.83 8.63
CA LEU C 100 -4.91 0.70 7.28
C LEU C 100 -6.36 0.23 7.41
N LEU C 101 -6.63 -0.57 8.42
CA LEU C 101 -7.98 -1.08 8.62
C LEU C 101 -8.93 0.08 8.83
N GLY C 102 -8.54 1.01 9.69
CA GLY C 102 -9.40 2.15 9.97
C GLY C 102 -9.61 3.02 8.73
N GLN C 103 -8.55 3.18 7.95
CA GLN C 103 -8.63 3.99 6.75
C GLN C 103 -9.56 3.39 5.70
N LEU C 104 -9.40 2.09 5.44
CA LEU C 104 -10.23 1.39 4.44
C LEU C 104 -11.66 1.36 4.95
N CYS C 105 -11.77 1.16 6.25
CA CYS C 105 -13.05 1.13 6.92
C CYS C 105 -13.79 2.44 6.58
N GLY C 106 -13.02 3.50 6.37
CA GLY C 106 -13.60 4.80 6.05
C GLY C 106 -14.36 4.85 4.74
N TYR C 107 -14.16 3.87 3.87
CA TYR C 107 -14.89 3.87 2.60
C TYR C 107 -16.17 3.05 2.61
N TYR C 108 -16.54 2.54 3.79
CA TYR C 108 -17.76 1.75 3.92
C TYR C 108 -18.63 2.24 5.05
N THR C 109 -19.94 2.31 4.81
CA THR C 109 -20.86 2.80 5.82
C THR C 109 -21.03 1.86 7.00
N GLN C 110 -21.03 0.56 6.71
CA GLN C 110 -21.23 -0.45 7.73
C GLN C 110 -20.14 -1.50 7.72
N TRP C 111 -19.90 -2.11 8.90
CA TRP C 111 -18.91 -3.17 9.05
C TRP C 111 -19.40 -4.18 10.08
N SER C 112 -18.85 -5.39 10.02
CA SER C 112 -19.22 -6.45 10.94
C SER C 112 -18.07 -7.42 11.07
N GLY C 113 -17.68 -7.72 12.31
CA GLY C 113 -16.59 -8.66 12.53
C GLY C 113 -15.80 -8.48 13.80
N SER C 114 -15.01 -9.48 14.14
CA SER C 114 -14.17 -9.41 15.33
C SER C 114 -12.86 -8.73 14.93
N LEU C 115 -12.27 -7.96 15.84
CA LEU C 115 -11.02 -7.29 15.55
C LEU C 115 -9.99 -7.90 16.49
N GLU C 116 -8.72 -7.59 16.27
CA GLU C 116 -7.66 -8.11 17.12
C GLU C 116 -6.56 -7.08 17.21
N VAL C 117 -5.93 -7.00 18.38
CA VAL C 117 -4.82 -6.08 18.57
C VAL C 117 -3.69 -6.89 19.18
N THR C 118 -2.52 -6.82 18.57
CA THR C 118 -1.39 -7.55 19.09
C THR C 118 -0.42 -6.54 19.66
N PHE C 119 -0.02 -6.76 20.90
CA PHE C 119 0.90 -5.87 21.59
C PHE C 119 2.29 -6.47 21.66
N MET C 120 3.28 -5.69 21.23
CA MET C 120 4.65 -6.17 21.25
C MET C 120 5.47 -5.38 22.27
N PHE C 121 6.08 -6.12 23.21
CA PHE C 121 6.91 -5.50 24.23
C PHE C 121 8.32 -5.30 23.67
N THR C 122 8.87 -4.11 23.82
CA THR C 122 10.20 -3.84 23.29
C THR C 122 11.21 -3.49 24.38
N GLY C 123 10.91 -3.85 25.62
CA GLY C 123 11.85 -3.56 26.69
C GLY C 123 13.06 -4.49 26.57
N SER C 124 13.97 -4.42 27.55
CA SER C 124 15.15 -5.27 27.53
C SER C 124 14.78 -6.71 27.86
N PHE C 125 15.66 -7.63 27.49
CA PHE C 125 15.44 -9.05 27.75
C PHE C 125 15.33 -9.34 29.25
N MET C 126 16.00 -8.55 30.09
CA MET C 126 15.95 -8.78 31.52
C MET C 126 14.66 -8.31 32.17
N ALA C 127 13.88 -7.51 31.47
CA ALA C 127 12.63 -7.01 32.03
C ALA C 127 11.51 -8.05 31.94
N THR C 128 10.69 -8.09 32.97
CA THR C 128 9.57 -9.03 33.02
C THR C 128 8.32 -8.28 33.46
N GLY C 129 7.17 -8.95 33.43
CA GLY C 129 5.97 -8.29 33.86
C GLY C 129 4.71 -8.96 33.35
N LYS C 130 3.60 -8.71 34.04
CA LYS C 130 2.31 -9.27 33.66
C LYS C 130 1.32 -8.10 33.56
N MET C 131 0.57 -8.04 32.46
CA MET C 131 -0.41 -6.98 32.23
C MET C 131 -1.79 -7.63 32.06
N LEU C 132 -2.83 -6.86 32.31
CA LEU C 132 -4.21 -7.31 32.15
C LEU C 132 -4.82 -6.37 31.12
N ILE C 133 -5.16 -6.90 29.95
CA ILE C 133 -5.76 -6.09 28.89
C ILE C 133 -7.21 -6.51 28.81
N ALA C 134 -8.12 -5.54 28.91
CA ALA C 134 -9.53 -5.88 28.88
C ALA C 134 -10.35 -5.12 27.89
N TYR C 135 -11.34 -5.82 27.33
CA TYR C 135 -12.29 -5.26 26.37
C TYR C 135 -13.63 -5.21 27.09
N THR C 136 -14.18 -4.00 27.22
CA THR C 136 -15.45 -3.81 27.89
C THR C 136 -16.54 -3.57 26.88
N PRO C 137 -17.43 -4.55 26.67
CA PRO C 137 -18.54 -4.45 25.72
C PRO C 137 -19.38 -3.20 26.01
N PRO C 138 -20.23 -2.78 25.06
CA PRO C 138 -21.09 -1.60 25.21
C PRO C 138 -21.82 -1.52 26.55
N GLY C 139 -22.05 -0.29 27.00
CA GLY C 139 -22.78 -0.09 28.25
C GLY C 139 -21.90 0.08 29.47
N GLY C 140 -20.71 -0.52 29.43
CA GLY C 140 -19.82 -0.43 30.55
C GLY C 140 -19.02 0.86 30.48
N PRO C 141 -19.01 1.66 31.56
CA PRO C 141 -18.26 2.92 31.56
C PRO C 141 -16.78 2.59 31.66
N LEU C 142 -15.93 3.59 31.44
CA LEU C 142 -14.50 3.39 31.56
C LEU C 142 -14.29 2.80 32.96
N PRO C 143 -13.67 1.61 33.05
CA PRO C 143 -13.43 0.95 34.33
C PRO C 143 -12.71 1.82 35.36
N LYS C 144 -13.35 1.98 36.52
CA LYS C 144 -12.81 2.76 37.62
C LYS C 144 -11.43 2.20 37.99
N ASP C 145 -11.41 0.92 38.37
CA ASP C 145 -10.19 0.24 38.77
C ASP C 145 -10.00 -1.05 37.98
N ARG C 146 -8.93 -1.77 38.29
CA ARG C 146 -8.65 -3.01 37.60
C ARG C 146 -9.68 -4.09 37.93
N ALA C 147 -10.14 -4.09 39.17
CA ALA C 147 -11.14 -5.07 39.60
C ALA C 147 -12.38 -5.02 38.73
N THR C 148 -12.75 -3.83 38.29
CA THR C 148 -13.93 -3.65 37.44
C THR C 148 -13.63 -4.12 36.03
N ALA C 149 -12.53 -3.61 35.47
CA ALA C 149 -12.11 -3.98 34.12
C ALA C 149 -12.05 -5.49 33.95
N MET C 150 -11.55 -6.15 34.99
CA MET C 150 -11.39 -7.61 35.00
C MET C 150 -12.69 -8.40 34.73
N LEU C 151 -13.84 -7.76 34.94
CA LEU C 151 -15.13 -8.41 34.74
C LEU C 151 -15.50 -8.63 33.29
N GLY C 152 -14.77 -8.00 32.38
CA GLY C 152 -15.08 -8.15 30.97
C GLY C 152 -14.19 -9.16 30.27
N THR C 153 -14.15 -9.08 28.95
CA THR C 153 -13.34 -10.01 28.17
C THR C 153 -11.91 -9.52 28.33
N HIS C 154 -11.01 -10.41 28.73
CA HIS C 154 -9.63 -10.00 28.92
C HIS C 154 -8.56 -11.07 28.74
N VAL C 155 -7.32 -10.58 28.66
CA VAL C 155 -6.15 -11.41 28.51
C VAL C 155 -5.12 -10.96 29.54
N ILE C 156 -4.44 -11.92 30.14
CA ILE C 156 -3.42 -11.61 31.11
C ILE C 156 -2.13 -12.02 30.41
N TRP C 157 -1.39 -10.99 30.03
CA TRP C 157 -0.14 -11.13 29.29
C TRP C 157 1.09 -11.28 30.16
N ASP C 158 1.91 -12.29 29.87
CA ASP C 158 3.13 -12.52 30.62
C ASP C 158 4.34 -12.25 29.72
N PHE C 159 5.15 -11.24 30.05
CA PHE C 159 6.33 -10.96 29.23
C PHE C 159 7.28 -12.16 29.23
N GLY C 160 7.93 -12.40 28.09
CA GLY C 160 8.86 -13.52 27.99
C GLY C 160 9.43 -13.65 26.58
N LEU C 161 9.92 -14.84 26.24
CA LEU C 161 10.48 -15.11 24.91
C LEU C 161 9.58 -14.54 23.81
N GLN C 162 8.32 -14.97 23.82
CA GLN C 162 7.34 -14.50 22.84
C GLN C 162 7.10 -13.04 23.22
N SER C 163 7.60 -12.14 22.38
CA SER C 163 7.49 -10.72 22.66
C SER C 163 6.08 -10.18 22.67
N SER C 164 5.18 -10.82 21.93
CA SER C 164 3.82 -10.30 21.82
C SER C 164 2.68 -11.15 22.37
N VAL C 165 1.50 -10.53 22.41
CA VAL C 165 0.28 -11.18 22.88
C VAL C 165 -0.85 -10.58 22.05
N THR C 166 -1.93 -11.33 21.89
CA THR C 166 -3.05 -10.84 21.10
C THR C 166 -4.35 -10.73 21.86
N LEU C 167 -4.95 -9.54 21.80
CA LEU C 167 -6.25 -9.34 22.45
C LEU C 167 -7.26 -9.47 21.34
N VAL C 168 -8.23 -10.34 21.51
CA VAL C 168 -9.24 -10.46 20.49
C VAL C 168 -10.43 -9.65 20.96
N ILE C 169 -10.91 -8.75 20.12
CA ILE C 169 -12.08 -7.94 20.45
C ILE C 169 -13.20 -8.64 19.68
N PRO C 170 -13.74 -9.72 20.26
CA PRO C 170 -14.80 -10.50 19.63
C PRO C 170 -15.99 -9.65 19.29
N TRP C 171 -16.68 -10.04 18.23
CA TRP C 171 -17.85 -9.32 17.79
C TRP C 171 -19.01 -9.57 18.74
N ILE C 172 -19.29 -8.58 19.58
CA ILE C 172 -20.40 -8.66 20.52
C ILE C 172 -21.26 -7.46 20.13
N SER C 173 -22.29 -7.69 19.32
CA SER C 173 -23.15 -6.60 18.90
C SER C 173 -24.61 -6.99 18.94
N ASN C 174 -25.49 -6.00 19.03
CA ASN C 174 -26.90 -6.31 19.04
C ASN C 174 -27.33 -6.46 17.57
N THR C 175 -26.79 -5.61 16.70
CA THR C 175 -27.10 -5.66 15.27
C THR C 175 -26.04 -6.43 14.49
N HIS C 176 -26.43 -6.99 13.36
CA HIS C 176 -25.50 -7.74 12.52
C HIS C 176 -24.36 -6.91 11.94
N TYR C 177 -24.60 -5.60 11.86
CA TYR C 177 -23.61 -4.65 11.33
C TYR C 177 -23.64 -3.40 12.16
N ARG C 178 -22.52 -2.69 12.22
CA ARG C 178 -22.45 -1.43 12.94
C ARG C 178 -22.12 -0.39 11.88
N ALA C 179 -22.64 0.82 12.05
CA ALA C 179 -22.31 1.92 11.14
C ALA C 179 -21.18 2.59 11.92
N HIS C 180 -20.48 3.55 11.32
CA HIS C 180 -19.40 4.20 12.07
C HIS C 180 -19.98 4.88 13.28
N ALA C 181 -19.41 4.59 14.44
CA ALA C 181 -19.90 5.19 15.66
C ALA C 181 -19.31 6.57 15.82
N ARG C 182 -19.98 7.40 16.60
CA ARG C 182 -19.54 8.75 16.91
C ARG C 182 -20.47 9.35 17.96
N ASP C 183 -20.03 10.44 18.58
CA ASP C 183 -20.83 11.09 19.62
C ASP C 183 -22.21 11.41 19.08
N GLY C 184 -23.23 11.22 19.92
CA GLY C 184 -24.58 11.48 19.46
C GLY C 184 -25.38 10.18 19.44
N VAL C 185 -26.48 10.16 18.69
CA VAL C 185 -27.28 8.96 18.66
C VAL C 185 -26.53 7.81 18.00
N PHE C 186 -25.53 8.11 17.18
CA PHE C 186 -24.79 7.03 16.55
C PHE C 186 -23.84 6.29 17.47
N ASP C 187 -23.84 6.65 18.75
CA ASP C 187 -22.99 5.94 19.71
C ASP C 187 -23.65 4.57 19.96
N TYR C 188 -24.83 4.41 19.39
CA TYR C 188 -25.58 3.17 19.48
C TYR C 188 -24.72 2.05 18.89
N TYR C 189 -23.89 2.40 17.91
CA TYR C 189 -23.02 1.45 17.24
C TYR C 189 -21.62 1.36 17.85
N THR C 190 -21.44 1.85 19.06
CA THR C 190 -20.11 1.78 19.66
C THR C 190 -19.72 0.34 19.92
N THR C 191 -18.43 0.07 19.87
CA THR C 191 -17.92 -1.27 20.09
C THR C 191 -17.56 -1.48 21.56
N GLY C 192 -16.93 -0.48 22.17
CA GLY C 192 -16.56 -0.62 23.57
C GLY C 192 -15.20 -0.03 23.90
N LEU C 193 -14.71 -0.32 25.10
CA LEU C 193 -13.43 0.20 25.55
C LEU C 193 -12.39 -0.89 25.72
N VAL C 194 -11.13 -0.50 25.55
CA VAL C 194 -10.01 -1.43 25.75
C VAL C 194 -9.14 -0.74 26.80
N SER C 195 -8.80 -1.45 27.86
CA SER C 195 -7.98 -0.85 28.89
C SER C 195 -6.86 -1.80 29.30
N ILE C 196 -5.69 -1.24 29.55
CA ILE C 196 -4.53 -2.01 29.95
C ILE C 196 -4.15 -1.66 31.38
N TRP C 197 -3.95 -2.70 32.20
CA TRP C 197 -3.60 -2.49 33.61
C TRP C 197 -2.40 -3.32 33.99
N TYR C 198 -1.70 -2.91 35.05
CA TYR C 198 -0.55 -3.68 35.52
C TYR C 198 -1.12 -4.82 36.34
N GLN C 199 -0.91 -6.05 35.89
CA GLN C 199 -1.41 -7.20 36.64
C GLN C 199 -0.55 -7.36 37.88
N THR C 200 0.77 -7.30 37.67
CA THR C 200 1.73 -7.39 38.77
C THR C 200 2.52 -6.09 38.75
N ASN C 201 3.65 -6.10 38.06
CA ASN C 201 4.50 -4.92 37.95
C ASN C 201 5.64 -5.16 36.96
N TYR C 202 6.15 -4.08 36.37
CA TYR C 202 7.27 -4.15 35.43
C TYR C 202 8.50 -4.26 36.35
N VAL C 203 9.19 -5.38 36.30
CA VAL C 203 10.35 -5.58 37.14
C VAL C 203 11.59 -5.68 36.29
N VAL C 204 12.68 -5.12 36.80
CA VAL C 204 13.91 -5.10 36.04
C VAL C 204 15.08 -5.13 37.03
N PRO C 205 16.23 -5.67 36.62
CA PRO C 205 17.35 -5.70 37.56
C PRO C 205 18.24 -4.48 37.44
N ILE C 206 19.29 -4.43 38.24
CA ILE C 206 20.22 -3.31 38.18
C ILE C 206 20.86 -3.35 36.80
N GLY C 207 20.97 -2.20 36.14
CA GLY C 207 21.61 -2.19 34.84
C GLY C 207 20.69 -2.10 33.63
N ALA C 208 19.40 -2.24 33.86
CA ALA C 208 18.44 -2.17 32.78
C ALA C 208 17.54 -0.96 32.97
N PRO C 209 17.07 -0.36 31.87
CA PRO C 209 16.20 0.81 31.84
C PRO C 209 14.92 0.63 32.66
N ASN C 210 14.45 1.74 33.25
CA ASN C 210 13.25 1.72 34.07
C ASN C 210 12.00 1.93 33.24
N THR C 211 12.22 2.26 31.97
CA THR C 211 11.10 2.50 31.08
C THR C 211 11.33 1.85 29.73
N ALA C 212 10.29 1.20 29.25
CA ALA C 212 10.33 0.52 27.96
C ALA C 212 9.01 0.83 27.28
N TYR C 213 8.92 0.52 25.99
CA TYR C 213 7.70 0.81 25.24
C TYR C 213 6.99 -0.40 24.66
N ILE C 214 5.70 -0.23 24.39
CA ILE C 214 4.90 -1.28 23.79
C ILE C 214 4.38 -0.76 22.45
N ILE C 215 4.44 -1.59 21.42
CA ILE C 215 3.95 -1.19 20.11
C ILE C 215 2.69 -2.00 19.86
N ALA C 216 1.61 -1.33 19.46
CA ALA C 216 0.35 -2.02 19.21
C ALA C 216 0.00 -2.14 17.74
N LEU C 217 -0.24 -3.36 17.29
CA LEU C 217 -0.60 -3.63 15.90
C LEU C 217 -2.02 -4.17 15.86
N ALA C 218 -2.83 -3.67 14.93
CA ALA C 218 -4.21 -4.12 14.84
C ALA C 218 -4.67 -4.45 13.41
N ALA C 219 -5.67 -5.32 13.34
CA ALA C 219 -6.23 -5.76 12.06
C ALA C 219 -7.55 -6.45 12.37
N ALA C 220 -8.21 -6.98 11.34
CA ALA C 220 -9.48 -7.66 11.51
C ALA C 220 -9.37 -9.19 11.45
N GLN C 221 -10.33 -9.87 12.05
CA GLN C 221 -10.38 -11.34 12.06
C GLN C 221 -10.97 -11.77 10.71
N LYS C 222 -11.06 -13.07 10.47
CA LYS C 222 -11.60 -13.54 9.19
C LYS C 222 -13.12 -13.49 9.03
N ASN C 223 -13.85 -13.03 10.05
CA ASN C 223 -15.30 -12.94 9.92
C ASN C 223 -15.69 -11.49 9.61
N PHE C 224 -14.67 -10.64 9.45
CA PHE C 224 -14.85 -9.22 9.16
C PHE C 224 -15.26 -8.96 7.70
N THR C 225 -16.27 -8.11 7.51
CA THR C 225 -16.74 -7.73 6.18
C THR C 225 -17.29 -6.32 6.29
N MET C 226 -17.37 -5.61 5.16
CA MET C 226 -17.89 -4.26 5.18
C MET C 226 -18.93 -4.11 4.06
N LYS C 227 -19.86 -3.18 4.21
CA LYS C 227 -20.84 -2.99 3.16
C LYS C 227 -21.30 -1.55 3.00
N LEU C 228 -21.77 -1.23 1.79
CA LEU C 228 -22.27 0.09 1.44
C LEU C 228 -21.15 1.11 1.26
N CYS C 229 -20.58 1.16 0.05
CA CYS C 229 -19.51 2.09 -0.27
C CYS C 229 -19.89 3.54 -0.07
N LYS C 230 -18.99 4.32 0.52
CA LYS C 230 -19.21 5.74 0.73
C LYS C 230 -17.86 6.40 0.66
N ASP C 231 -17.84 7.70 0.41
CA ASP C 231 -16.58 8.41 0.35
C ASP C 231 -16.03 8.58 1.76
N ALA C 232 -14.70 8.62 1.86
CA ALA C 232 -14.04 8.78 3.13
C ALA C 232 -14.32 10.20 3.64
N SER C 233 -14.27 10.37 4.95
CA SER C 233 -14.54 11.66 5.57
C SER C 233 -13.47 12.72 5.29
N ASP C 234 -12.29 12.30 4.85
CA ASP C 234 -11.25 13.26 4.54
C ASP C 234 -11.12 13.44 3.05
N ILE C 235 -10.70 14.65 2.65
CA ILE C 235 -10.47 14.97 1.26
C ILE C 235 -9.16 15.72 1.39
N LEU C 236 -8.06 15.06 1.08
CA LEU C 236 -6.74 15.66 1.23
C LEU C 236 -6.36 16.66 0.16
N GLN C 237 -7.00 17.81 0.22
CA GLN C 237 -6.79 18.87 -0.75
C GLN C 237 -7.45 20.14 -0.17
N THR C 238 -6.79 21.28 -0.29
CA THR C 238 -7.37 22.53 0.22
C THR C 238 -7.75 23.43 -0.95
N GLY C 239 -6.81 23.62 -1.87
CA GLY C 239 -7.09 24.43 -3.03
C GLY C 239 -6.98 23.51 -4.24
N THR C 240 -6.73 24.08 -5.42
CA THR C 240 -6.61 23.21 -6.57
C THR C 240 -5.21 22.59 -6.55
N ILE C 241 -5.08 21.37 -7.06
CA ILE C 241 -3.80 20.69 -7.09
C ILE C 241 -3.13 21.04 -8.41
N GLN C 242 -2.03 21.80 -8.33
CA GLN C 242 -1.32 22.25 -9.53
C GLN C 242 -0.44 21.22 -10.24
N SER D 12 -21.93 -14.27 -28.23
CA SER D 12 -21.17 -13.07 -28.66
C SER D 12 -19.72 -13.43 -29.05
N HIS D 13 -19.39 -13.32 -30.33
CA HIS D 13 -18.03 -13.60 -30.82
C HIS D 13 -17.35 -12.28 -31.20
N GLU D 14 -16.57 -11.75 -30.26
CA GLU D 14 -15.91 -10.46 -30.39
C GLU D 14 -14.38 -10.52 -30.32
N ASN D 15 -13.77 -9.36 -30.03
CA ASN D 15 -12.32 -9.23 -29.87
C ASN D 15 -12.02 -9.41 -28.39
N SER D 16 -10.91 -10.10 -28.08
CA SER D 16 -10.52 -10.30 -26.68
C SER D 16 -9.55 -9.21 -26.20
N ASN D 17 -10.03 -7.96 -26.15
CA ASN D 17 -9.18 -6.84 -25.73
C ASN D 17 -9.53 -6.20 -24.39
N SER D 18 -10.13 -6.99 -23.50
CA SER D 18 -10.48 -6.50 -22.18
C SER D 18 -9.20 -6.46 -21.32
N ALA D 19 -9.15 -5.56 -20.35
CA ALA D 19 -7.98 -5.46 -19.50
C ALA D 19 -7.79 -6.71 -18.65
N THR D 20 -8.88 -7.42 -18.40
CA THR D 20 -8.83 -8.64 -17.59
C THR D 20 -8.80 -9.94 -18.39
N GLU D 21 -8.54 -9.86 -19.69
CA GLU D 21 -8.49 -11.08 -20.50
C GLU D 21 -7.32 -11.90 -19.95
N GLY D 22 -7.55 -13.19 -19.71
CA GLY D 22 -6.51 -14.04 -19.17
C GLY D 22 -6.28 -13.82 -17.69
N SER D 23 -7.37 -13.68 -16.96
CA SER D 23 -7.34 -13.44 -15.51
C SER D 23 -7.95 -14.62 -14.76
N THR D 24 -7.35 -14.96 -13.62
CA THR D 24 -7.82 -16.07 -12.79
C THR D 24 -9.28 -15.90 -12.34
N ILE D 25 -9.68 -14.66 -12.08
CA ILE D 25 -11.05 -14.37 -11.65
C ILE D 25 -12.02 -14.35 -12.84
N ASN D 26 -13.03 -15.20 -12.77
CA ASN D 26 -14.06 -15.36 -13.81
C ASN D 26 -15.11 -14.25 -13.79
N TYR D 27 -15.20 -13.49 -14.87
CA TYR D 27 -16.16 -12.40 -14.97
C TYR D 27 -17.40 -12.78 -15.77
N THR D 28 -18.53 -12.14 -15.44
CA THR D 28 -19.79 -12.35 -16.13
C THR D 28 -20.31 -10.95 -16.55
N THR D 29 -20.20 -10.63 -17.84
CA THR D 29 -20.57 -9.30 -18.32
C THR D 29 -21.50 -9.21 -19.52
N ILE D 30 -21.91 -8.00 -19.86
CA ILE D 30 -22.80 -7.75 -20.98
C ILE D 30 -22.10 -6.80 -21.96
N ASN D 31 -22.37 -6.97 -23.25
CA ASN D 31 -21.73 -6.12 -24.25
C ASN D 31 -22.50 -6.11 -25.57
N TYR D 32 -22.41 -5.02 -26.34
CA TYR D 32 -23.11 -4.91 -27.63
C TYR D 32 -22.14 -4.53 -28.76
N TYR D 33 -20.85 -4.46 -28.46
CA TYR D 33 -19.87 -4.06 -29.47
C TYR D 33 -18.84 -5.16 -29.71
N LYS D 34 -18.14 -5.11 -30.85
CA LYS D 34 -17.14 -6.13 -31.17
C LYS D 34 -15.95 -6.07 -30.24
N ASP D 35 -15.78 -4.99 -29.50
CA ASP D 35 -14.64 -4.87 -28.59
C ASP D 35 -15.02 -5.17 -27.15
N SER D 36 -14.37 -6.20 -26.61
CA SER D 36 -14.61 -6.66 -25.27
C SER D 36 -14.47 -5.63 -24.15
N TYR D 37 -13.54 -4.68 -24.29
CA TYR D 37 -13.39 -3.69 -23.22
C TYR D 37 -14.57 -2.76 -23.08
N ALA D 38 -15.46 -2.77 -24.05
CA ALA D 38 -16.65 -1.91 -23.99
C ALA D 38 -17.69 -2.49 -23.04
N ALA D 39 -17.48 -3.75 -22.63
CA ALA D 39 -18.42 -4.44 -21.75
C ALA D 39 -18.58 -3.85 -20.35
N THR D 40 -19.63 -4.30 -19.67
CA THR D 40 -19.92 -3.84 -18.32
C THR D 40 -18.86 -4.39 -17.37
N ALA D 41 -18.88 -3.93 -16.13
CA ALA D 41 -17.92 -4.39 -15.15
C ALA D 41 -18.30 -5.79 -14.70
N GLY D 42 -19.62 -6.03 -14.58
CA GLY D 42 -20.13 -7.33 -14.20
C GLY D 42 -19.83 -7.78 -12.77
N LYS D 43 -19.90 -9.09 -12.54
CA LYS D 43 -19.61 -9.69 -11.23
C LYS D 43 -18.33 -10.49 -11.41
N GLN D 44 -17.51 -10.58 -10.37
CA GLN D 44 -16.29 -11.36 -10.48
C GLN D 44 -16.26 -12.45 -9.43
N SER D 45 -15.25 -13.31 -9.52
CA SER D 45 -15.07 -14.40 -8.58
C SER D 45 -14.64 -13.85 -7.24
N LEU D 46 -15.16 -14.47 -6.19
CA LEU D 46 -14.86 -14.05 -4.84
C LEU D 46 -13.80 -14.90 -4.17
N LYS D 47 -12.62 -14.96 -4.76
CA LYS D 47 -11.52 -15.71 -4.17
C LYS D 47 -10.67 -14.62 -3.52
N GLN D 48 -9.94 -14.96 -2.46
CA GLN D 48 -9.03 -14.01 -1.84
C GLN D 48 -7.89 -14.77 -1.15
N ASP D 49 -6.72 -14.16 -1.10
CA ASP D 49 -5.54 -14.79 -0.51
C ASP D 49 -4.87 -13.85 0.48
N PRO D 50 -5.36 -13.82 1.72
CA PRO D 50 -4.80 -12.95 2.77
C PRO D 50 -3.32 -13.23 3.06
N ASP D 51 -2.98 -14.51 3.19
CA ASP D 51 -1.62 -14.93 3.52
C ASP D 51 -0.52 -14.28 2.69
N LYS D 52 -0.85 -13.95 1.44
CA LYS D 52 0.11 -13.30 0.55
C LYS D 52 0.69 -12.07 1.26
N PHE D 53 -0.12 -11.37 2.04
CA PHE D 53 0.30 -10.15 2.76
C PHE D 53 0.40 -10.27 4.28
N ALA D 54 -0.48 -11.10 4.85
CA ALA D 54 -0.55 -11.25 6.29
C ALA D 54 0.25 -12.39 6.88
N ASN D 55 0.78 -13.27 6.04
CA ASN D 55 1.54 -14.39 6.58
C ASN D 55 2.53 -14.96 5.55
N PRO D 56 3.38 -14.11 4.97
CA PRO D 56 4.36 -14.55 3.97
C PRO D 56 5.67 -15.08 4.56
N VAL D 57 5.56 -15.95 5.57
CA VAL D 57 6.74 -16.52 6.21
C VAL D 57 7.18 -17.75 5.43
N LYS D 58 8.47 -18.06 5.47
CA LYS D 58 9.01 -19.21 4.75
C LYS D 58 8.52 -20.50 5.42
N ASP D 59 8.78 -20.63 6.72
CA ASP D 59 8.35 -21.79 7.50
C ASP D 59 7.18 -21.35 8.38
N ILE D 60 5.97 -21.72 7.96
CA ILE D 60 4.78 -21.32 8.71
C ILE D 60 4.64 -22.00 10.08
N PHE D 61 4.17 -21.23 11.06
CA PHE D 61 3.98 -21.72 12.42
C PHE D 61 2.47 -21.86 12.72
N THR D 62 2.13 -22.82 13.59
CA THR D 62 0.73 -23.07 13.96
C THR D 62 0.22 -22.09 15.01
N GLU D 63 -1.10 -21.96 15.11
CA GLU D 63 -1.74 -21.07 16.07
C GLU D 63 -1.43 -21.41 17.53
N MET D 64 -1.41 -22.71 17.85
CA MET D 64 -1.17 -23.16 19.22
C MET D 64 0.31 -23.26 19.68
N ALA D 65 1.23 -23.15 18.74
CA ALA D 65 2.66 -23.24 19.05
C ALA D 65 3.27 -21.90 19.44
N ALA D 66 4.49 -21.95 19.96
CA ALA D 66 5.22 -20.75 20.32
C ALA D 66 5.93 -20.38 19.02
N PRO D 67 5.55 -19.25 18.40
CA PRO D 67 6.15 -18.76 17.15
C PRO D 67 7.67 -18.81 17.07
N LEU D 68 8.33 -18.55 18.20
CA LEU D 68 9.78 -18.57 18.26
C LEU D 68 10.32 -19.69 19.14
N LYS D 69 10.82 -20.73 18.48
CA LYS D 69 11.40 -21.91 19.14
C LYS D 69 12.63 -22.41 18.33
#